data_4BIH
#
_entry.id   4BIH
#
_cell.length_a   71.130
_cell.length_b   49.250
_cell.length_c   137.370
_cell.angle_alpha   90.00
_cell.angle_beta   89.99
_cell.angle_gamma   90.00
#
_symmetry.space_group_name_H-M   'P 1 21 1'
#
loop_
_entity.id
_entity.type
_entity.pdbx_description
1 polymer 'UNCHARACTERIZED LIPOPROTEIN SAOUHSC_00053'
2 non-polymer 'CALCIUM ION'
3 water water
#
_entity_poly.entity_id   1
_entity_poly.type   'polypeptide(L)'
_entity_poly.pdbx_seq_one_letter_code
;MGSSHHHHHHENLYFQGGCGIGKEAEVKKSFEKTLSMYPIKNLEDLYDKEGYRDDQFDKNDKGTWIINSEMVIQPNNEDM
VAKGMVLYMNRNTKTTNGYYYVDVTKDEDEGKPHDNEKRYPVKMVDNKIIPTKEIKDEKIKKEIENFKFFVQYGDFKNLK
NYKDGDISYNPEVPSYSAKYQLTNDDYNVKQLRKRYDIPTSKAPKLLLKGSGNLKGSSVGYKDIEFTFVEKKEENIYFSD
SLDYKKSGDV
;
_entity_poly.pdbx_strand_id   A,B,C,D
#
loop_
_chem_comp.id
_chem_comp.type
_chem_comp.name
_chem_comp.formula
CA non-polymer 'CALCIUM ION' 'Ca 2'
#
# COMPACT_ATOMS: atom_id res chain seq x y z
N LEU A 35 9.96 3.95 38.17
CA LEU A 35 9.02 4.42 37.15
C LEU A 35 8.24 5.65 37.59
N SER A 36 8.75 6.36 38.58
CA SER A 36 8.11 7.56 39.08
C SER A 36 8.09 8.66 38.02
N MET A 37 9.18 8.74 37.25
CA MET A 37 9.38 9.82 36.29
C MET A 37 8.35 9.80 35.16
N TYR A 38 7.92 8.60 34.78
CA TYR A 38 6.91 8.42 33.75
C TYR A 38 5.61 9.10 34.12
N PRO A 39 5.09 9.97 33.24
CA PRO A 39 5.62 10.24 31.91
C PRO A 39 6.60 11.38 31.88
N ILE A 40 7.45 11.39 30.87
CA ILE A 40 8.21 12.58 30.50
C ILE A 40 7.65 13.02 29.16
N LYS A 41 6.67 13.92 29.20
CA LYS A 41 5.94 14.28 27.99
C LYS A 41 6.80 15.11 27.05
N ASN A 42 7.75 15.87 27.60
CA ASN A 42 8.67 16.62 26.76
C ASN A 42 10.02 15.91 26.69
N LEU A 43 10.47 15.60 25.48
CA LEU A 43 11.71 14.85 25.36
C LEU A 43 12.91 15.71 25.73
N GLU A 44 12.79 17.02 25.51
CA GLU A 44 13.89 17.94 25.79
C GLU A 44 14.30 17.91 27.28
N ASP A 45 13.39 17.50 28.16
CA ASP A 45 13.70 17.35 29.60
C ASP A 45 14.91 16.44 29.77
N LEU A 46 14.90 15.34 29.02
CA LEU A 46 15.96 14.34 29.04
C LEU A 46 17.34 14.90 28.83
N TYR A 47 17.43 15.97 28.04
CA TYR A 47 18.71 16.63 27.81
C TYR A 47 19.35 17.08 29.12
N ASP A 48 18.53 17.19 30.16
CA ASP A 48 18.98 17.74 31.44
C ASP A 48 18.79 16.76 32.58
N LYS A 49 19.05 15.48 32.27
CA LYS A 49 18.96 14.40 33.23
C LYS A 49 20.15 13.48 33.00
N GLU A 50 20.95 13.24 34.03
CA GLU A 50 22.18 12.45 33.89
C GLU A 50 22.00 11.05 34.45
N GLY A 51 22.57 10.05 33.75
CA GLY A 51 22.47 8.67 34.19
C GLY A 51 23.78 8.10 34.70
N TYR A 52 23.81 6.79 34.85
CA TYR A 52 24.96 6.07 35.42
C TYR A 52 26.21 6.21 34.57
N ARG A 53 27.26 6.72 35.20
CA ARG A 53 28.54 6.90 34.54
C ARG A 53 29.68 6.25 35.32
N ASP A 54 30.72 5.83 34.61
CA ASP A 54 31.82 5.12 35.25
C ASP A 54 33.21 5.68 34.98
N ASP A 55 34.23 4.96 35.45
CA ASP A 55 35.62 5.29 35.20
C ASP A 55 35.91 5.34 33.71
N GLN A 56 35.22 4.49 32.97
CA GLN A 56 35.37 4.45 31.52
C GLN A 56 34.78 5.69 30.85
N PHE A 57 33.75 6.28 31.46
CA PHE A 57 33.09 7.46 30.89
C PHE A 57 34.05 8.62 30.72
N ASP A 58 33.96 9.29 29.58
CA ASP A 58 34.75 10.49 29.32
C ASP A 58 34.26 11.62 30.21
N LYS A 59 35.14 12.55 30.55
CA LYS A 59 34.83 13.61 31.51
C LYS A 59 34.28 14.81 30.74
N ASN A 60 34.66 14.86 29.47
CA ASN A 60 34.17 15.83 28.50
C ASN A 60 32.72 15.55 28.17
N ASP A 61 32.39 14.26 28.13
CA ASP A 61 31.15 13.74 27.58
C ASP A 61 30.00 13.85 28.54
N LYS A 62 28.94 14.56 28.13
CA LYS A 62 27.72 14.57 28.95
C LYS A 62 26.89 13.29 28.73
N GLY A 63 27.23 12.53 27.72
CA GLY A 63 26.54 11.27 27.51
C GLY A 63 25.36 11.45 26.57
N THR A 64 24.80 10.31 26.19
CA THR A 64 23.79 10.24 25.15
C THR A 64 22.60 9.40 25.65
N TRP A 65 21.38 9.76 25.26
CA TRP A 65 20.24 8.89 25.56
C TRP A 65 19.76 8.08 24.35
N ILE A 66 19.54 6.79 24.57
CA ILE A 66 19.05 5.91 23.49
C ILE A 66 17.64 5.47 23.77
N ILE A 67 16.69 6.24 23.28
CA ILE A 67 15.30 5.98 23.57
C ILE A 67 14.68 5.13 22.46
N ASN A 68 14.18 3.95 22.83
CA ASN A 68 13.53 3.05 21.86
C ASN A 68 12.17 2.51 22.31
N SER A 69 11.17 2.63 21.44
CA SER A 69 9.88 1.99 21.67
C SER A 69 9.53 1.16 20.46
N GLU A 70 9.03 -0.05 20.70
CA GLU A 70 8.78 -1.02 19.64
C GLU A 70 7.50 -1.85 19.88
N MET A 71 6.57 -1.82 18.92
CA MET A 71 5.42 -2.74 18.90
C MET A 71 5.76 -3.93 18.05
N VAL A 72 5.74 -5.11 18.62
CA VAL A 72 5.90 -6.30 17.81
C VAL A 72 4.60 -7.07 17.76
N ILE A 73 4.21 -7.50 16.57
CA ILE A 73 2.97 -8.24 16.37
C ILE A 73 3.19 -9.44 15.43
N GLN A 74 3.28 -10.64 15.99
CA GLN A 74 3.40 -11.83 15.15
C GLN A 74 2.18 -12.75 15.23
N PRO A 75 1.27 -12.61 14.28
CA PRO A 75 0.07 -13.46 14.23
C PRO A 75 0.42 -14.86 13.73
N ASN A 76 -0.47 -15.82 13.98
CA ASN A 76 -0.16 -17.24 13.90
C ASN A 76 0.50 -17.76 12.61
N ASN A 77 1.78 -18.07 12.70
CA ASN A 77 2.48 -18.75 11.61
C ASN A 77 2.49 -18.00 10.27
N GLU A 78 2.20 -16.70 10.32
CA GLU A 78 2.38 -15.86 9.15
C GLU A 78 3.54 -14.92 9.43
N ASP A 79 3.67 -13.87 8.65
CA ASP A 79 4.78 -12.94 8.80
C ASP A 79 4.67 -12.17 10.12
N MET A 80 5.83 -11.90 10.73
CA MET A 80 5.86 -10.98 11.86
C MET A 80 6.23 -9.59 11.36
N VAL A 81 5.53 -8.59 11.84
CA VAL A 81 5.94 -7.21 11.60
C VAL A 81 6.19 -6.50 12.94
N ALA A 82 7.39 -5.92 13.05
CA ALA A 82 7.77 -5.16 14.22
C ALA A 82 7.98 -3.71 13.79
N LYS A 83 7.43 -2.78 14.55
CA LYS A 83 7.60 -1.36 14.25
C LYS A 83 8.03 -0.57 15.47
N GLY A 84 9.01 0.31 15.29
CA GLY A 84 9.42 1.11 16.41
C GLY A 84 10.15 2.36 16.01
N MET A 85 10.89 2.93 16.96
CA MET A 85 11.77 4.02 16.62
C MET A 85 12.88 4.09 17.62
N VAL A 86 14.03 4.54 17.16
CA VAL A 86 15.18 4.74 18.00
C VAL A 86 15.60 6.19 17.82
N LEU A 87 15.86 6.88 18.91
CA LEU A 87 16.39 8.25 18.87
C LEU A 87 17.70 8.30 19.62
N TYR A 88 18.54 9.29 19.31
CA TYR A 88 19.81 9.44 20.00
C TYR A 88 19.99 10.87 20.46
N MET A 89 19.95 11.06 21.76
CA MET A 89 19.93 12.39 22.35
C MET A 89 21.29 12.66 22.94
N ASN A 90 22.14 13.28 22.12
CA ASN A 90 23.49 13.62 22.55
C ASN A 90 23.46 14.90 23.35
N ARG A 91 23.61 14.74 24.67
CA ARG A 91 23.45 15.84 25.62
C ARG A 91 24.49 16.93 25.43
N ASN A 92 25.59 16.57 24.77
CA ASN A 92 26.65 17.51 24.49
C ASN A 92 26.27 18.49 23.42
N THR A 93 25.68 17.97 22.35
CA THR A 93 25.27 18.82 21.27
C THR A 93 23.83 19.28 21.46
N LYS A 94 23.10 18.54 22.30
CA LYS A 94 21.68 18.78 22.50
C LYS A 94 20.97 18.73 21.17
N THR A 95 21.43 17.82 20.32
CA THR A 95 20.75 17.49 19.08
C THR A 95 20.42 16.00 19.07
N THR A 96 19.34 15.66 18.37
CA THR A 96 18.78 14.33 18.39
C THR A 96 18.36 13.88 17.00
N ASN A 97 18.93 12.78 16.56
CA ASN A 97 18.55 12.13 15.33
C ASN A 97 18.42 10.66 15.65
N GLY A 98 17.89 9.89 14.72
CA GLY A 98 17.70 8.47 14.91
C GLY A 98 16.85 7.98 13.76
N TYR A 99 16.07 6.92 13.97
CA TYR A 99 15.29 6.41 12.85
C TYR A 99 14.03 5.68 13.24
N TYR A 100 13.01 5.82 12.39
CA TYR A 100 11.83 5.00 12.45
C TYR A 100 12.13 3.75 11.66
N TYR A 101 12.02 2.60 12.31
CA TYR A 101 12.22 1.34 11.61
C TYR A 101 10.94 0.53 11.46
N VAL A 102 10.78 -0.06 10.27
CA VAL A 102 9.72 -1.02 9.98
C VAL A 102 10.42 -2.32 9.64
N ASP A 103 9.95 -3.43 10.20
CA ASP A 103 10.67 -4.70 10.11
C ASP A 103 9.75 -5.91 9.92
N VAL A 104 9.51 -6.30 8.68
CA VAL A 104 8.85 -7.57 8.40
C VAL A 104 9.90 -8.67 8.35
N THR A 105 9.54 -9.86 8.85
CA THR A 105 10.48 -10.97 8.90
C THR A 105 9.75 -12.32 8.82
N LYS A 106 10.17 -13.15 7.86
CA LYS A 106 9.53 -14.43 7.63
C LYS A 106 9.82 -15.38 8.79
N ASP A 107 8.90 -16.33 9.03
CA ASP A 107 8.94 -17.24 10.18
C ASP A 107 9.37 -16.57 11.50
N GLU A 117 15.30 -5.01 6.92
CA GLU A 117 14.70 -3.98 7.75
C GLU A 117 14.89 -2.58 7.18
N LYS A 118 13.78 -1.87 7.05
CA LYS A 118 13.71 -0.55 6.45
C LYS A 118 13.66 0.48 7.55
N ARG A 119 14.67 1.34 7.58
CA ARG A 119 14.76 2.43 8.55
C ARG A 119 14.51 3.75 7.86
N TYR A 120 13.92 4.68 8.58
CA TYR A 120 13.61 5.98 8.03
C TYR A 120 14.23 7.01 8.98
N PRO A 121 15.17 7.80 8.47
CA PRO A 121 16.00 8.70 9.28
C PRO A 121 15.17 9.86 9.82
N VAL A 122 15.16 10.02 11.15
CA VAL A 122 14.47 11.15 11.74
C VAL A 122 15.42 11.98 12.58
N LYS A 123 15.01 13.22 12.86
CA LYS A 123 15.67 14.07 13.83
C LYS A 123 14.62 14.46 14.84
N MET A 124 15.05 15.04 15.96
CA MET A 124 14.09 15.39 17.00
C MET A 124 14.37 16.78 17.54
N VAL A 125 13.68 17.76 16.97
CA VAL A 125 13.84 19.13 17.43
C VAL A 125 12.56 19.62 18.09
N ASP A 126 12.72 20.21 19.27
CA ASP A 126 11.63 20.81 20.07
C ASP A 126 10.49 19.85 20.42
N ASN A 127 10.86 18.72 21.01
CA ASN A 127 9.93 17.66 21.36
C ASN A 127 9.10 17.21 20.16
N LYS A 128 9.71 17.19 18.98
CA LYS A 128 9.02 16.78 17.77
C LYS A 128 9.94 16.01 16.83
N ILE A 129 9.45 14.87 16.36
CA ILE A 129 10.17 13.98 15.46
C ILE A 129 9.82 14.31 14.02
N ILE A 130 10.85 14.51 13.19
CA ILE A 130 10.72 14.92 11.81
C ILE A 130 11.65 14.05 10.96
N PRO A 131 11.19 13.65 9.76
CA PRO A 131 11.99 12.83 8.85
C PRO A 131 13.01 13.60 7.99
N THR A 132 14.21 13.03 7.89
CA THR A 132 15.34 13.64 7.21
C THR A 132 15.56 13.12 5.77
N LYS A 133 15.20 11.88 5.51
CA LYS A 133 15.18 11.35 4.13
C LYS A 133 13.73 11.41 3.68
N GLU A 134 13.53 11.58 2.38
CA GLU A 134 12.18 11.71 1.86
C GLU A 134 11.40 10.41 2.06
N ILE A 135 10.11 10.54 2.35
CA ILE A 135 9.25 9.38 2.41
C ILE A 135 8.15 9.49 1.37
N LYS A 136 8.07 8.49 0.50
CA LYS A 136 7.02 8.46 -0.49
C LYS A 136 5.74 7.97 0.16
N ASP A 137 5.87 6.94 0.99
CA ASP A 137 4.74 6.32 1.67
C ASP A 137 4.02 7.33 2.57
N GLU A 138 2.70 7.24 2.57
CA GLU A 138 1.90 8.20 3.31
C GLU A 138 1.66 7.68 4.71
N LYS A 139 1.53 6.36 4.82
CA LYS A 139 1.23 5.70 6.09
C LYS A 139 2.46 5.68 6.99
N ILE A 140 3.64 5.78 6.39
CA ILE A 140 4.87 5.85 7.15
C ILE A 140 5.05 7.30 7.57
N LYS A 141 4.69 8.20 6.67
CA LYS A 141 4.88 9.62 6.92
C LYS A 141 3.99 10.07 8.07
N LYS A 142 2.97 9.28 8.36
CA LYS A 142 1.96 9.62 9.35
C LYS A 142 2.20 8.95 10.69
N GLU A 143 2.62 7.70 10.70
CA GLU A 143 2.90 7.06 11.98
C GLU A 143 4.01 7.80 12.70
N ILE A 144 5.04 8.20 11.96
CA ILE A 144 6.10 9.04 12.53
C ILE A 144 5.53 10.32 13.13
N GLU A 145 4.66 10.99 12.37
CA GLU A 145 4.11 12.28 12.76
C GLU A 145 3.27 12.16 14.03
N ASN A 146 2.57 11.03 14.14
CA ASN A 146 1.69 10.79 15.27
C ASN A 146 2.32 9.83 16.28
N PHE A 147 3.63 9.67 16.20
CA PHE A 147 4.36 8.75 17.07
C PHE A 147 4.68 9.40 18.40
N LYS A 148 4.36 8.71 19.49
CA LYS A 148 4.85 9.07 20.81
C LYS A 148 5.61 7.88 21.39
N PHE A 149 6.75 8.14 22.04
CA PHE A 149 7.43 7.09 22.78
C PHE A 149 6.63 6.79 24.05
N PHE A 150 6.71 5.55 24.52
CA PHE A 150 6.03 5.14 25.73
C PHE A 150 6.36 6.02 26.95
N VAL A 151 7.57 6.58 27.02
CA VAL A 151 7.94 7.44 28.16
C VAL A 151 7.16 8.75 28.11
N GLN A 152 6.74 9.14 26.92
CA GLN A 152 5.95 10.34 26.75
C GLN A 152 4.55 10.17 27.27
N TYR A 153 4.02 8.95 27.21
CA TYR A 153 2.64 8.75 27.63
C TYR A 153 2.42 7.74 28.75
N GLY A 154 3.40 6.90 29.01
CA GLY A 154 3.26 5.87 30.03
C GLY A 154 3.24 6.38 31.46
N ASP A 155 2.48 5.69 32.33
CA ASP A 155 2.14 6.20 33.66
C ASP A 155 1.97 5.07 34.66
N PHE A 156 2.86 4.99 35.65
CA PHE A 156 2.84 3.87 36.61
C PHE A 156 2.43 4.28 38.02
N SER A 177 14.17 -8.21 38.35
CA SER A 177 12.99 -8.18 37.48
C SER A 177 11.69 -7.88 38.25
N ALA A 178 10.58 -7.81 37.50
CA ALA A 178 9.24 -7.65 38.08
C ALA A 178 8.18 -8.26 37.17
N LYS A 179 7.14 -8.82 37.79
CA LYS A 179 6.20 -9.73 37.13
C LYS A 179 4.72 -9.42 37.45
N TYR A 180 3.99 -8.92 36.47
CA TYR A 180 2.61 -8.48 36.71
C TYR A 180 1.63 -8.87 35.62
N GLN A 181 0.40 -9.14 36.06
CA GLN A 181 -0.72 -9.48 35.19
C GLN A 181 -1.75 -8.35 35.24
N LEU A 182 -1.97 -7.68 34.13
CA LEU A 182 -2.73 -6.45 34.18
C LEU A 182 -4.17 -6.66 33.71
N THR A 183 -5.01 -5.65 33.88
CA THR A 183 -6.37 -5.70 33.36
C THR A 183 -6.43 -4.73 32.19
N ASN A 184 -7.49 -4.81 31.38
CA ASN A 184 -7.70 -3.78 30.38
C ASN A 184 -8.34 -2.54 31.01
N ASP A 185 -8.46 -2.53 32.33
CA ASP A 185 -8.80 -1.32 33.06
C ASP A 185 -7.53 -0.51 33.31
N ASP A 186 -6.39 -1.18 33.19
CA ASP A 186 -5.09 -0.55 33.41
C ASP A 186 -4.95 0.59 32.42
N TYR A 187 -4.16 1.59 32.78
CA TYR A 187 -3.99 2.78 31.96
C TYR A 187 -3.08 2.51 30.78
N ASN A 188 -1.91 1.92 31.05
CA ASN A 188 -0.90 1.65 30.02
C ASN A 188 -1.35 0.69 28.93
N VAL A 189 -2.18 -0.28 29.29
CA VAL A 189 -2.71 -1.23 28.32
C VAL A 189 -3.69 -0.52 27.37
N LYS A 190 -4.47 0.41 27.92
CA LYS A 190 -5.39 1.24 27.16
C LYS A 190 -4.63 2.22 26.26
N GLN A 191 -3.51 2.74 26.74
CA GLN A 191 -2.67 3.62 25.92
C GLN A 191 -2.20 2.91 24.66
N LEU A 192 -1.66 1.71 24.83
CA LEU A 192 -1.16 0.91 23.72
C LEU A 192 -2.25 0.50 22.73
N ARG A 193 -3.41 0.05 23.24
CA ARG A 193 -4.50 -0.39 22.37
C ARG A 193 -5.04 0.71 21.47
N LYS A 194 -5.10 1.93 22.01
CA LYS A 194 -5.61 3.08 21.29
C LYS A 194 -4.66 3.49 20.18
N ARG A 195 -3.37 3.36 20.47
CA ARG A 195 -2.31 3.90 19.63
C ARG A 195 -1.86 2.91 18.56
N TYR A 196 -2.13 1.63 18.81
CA TYR A 196 -1.72 0.56 17.91
C TYR A 196 -2.87 -0.34 17.49
N ASP A 197 -2.61 -1.16 16.50
CA ASP A 197 -3.59 -2.08 16.00
C ASP A 197 -3.23 -3.45 16.53
N ILE A 198 -3.73 -3.77 17.72
CA ILE A 198 -3.39 -5.02 18.41
C ILE A 198 -4.44 -6.11 18.19
N PRO A 199 -4.05 -7.19 17.49
CA PRO A 199 -4.93 -8.29 17.08
C PRO A 199 -5.22 -9.30 18.19
N THR A 200 -5.53 -8.82 19.40
CA THR A 200 -5.92 -9.70 20.50
C THR A 200 -6.69 -8.92 21.54
N SER A 201 -7.46 -9.65 22.37
CA SER A 201 -8.42 -9.04 23.28
C SER A 201 -7.99 -9.13 24.74
N LYS A 202 -7.04 -10.01 25.01
CA LYS A 202 -6.64 -10.31 26.38
C LYS A 202 -5.62 -9.33 26.98
N ALA A 203 -5.58 -9.30 28.31
CA ALA A 203 -4.81 -8.31 29.05
C ALA A 203 -3.37 -8.75 29.25
N PRO A 204 -2.43 -8.03 28.64
CA PRO A 204 -1.04 -8.47 28.61
C PRO A 204 -0.42 -8.50 30.00
N LYS A 205 0.72 -9.18 30.11
CA LYS A 205 1.51 -9.12 31.32
C LYS A 205 2.47 -7.94 31.22
N LEU A 206 3.01 -7.55 32.37
CA LEU A 206 4.02 -6.49 32.44
C LEU A 206 5.34 -7.13 32.83
N LEU A 207 6.39 -6.88 32.06
CA LEU A 207 7.71 -7.40 32.42
C LEU A 207 8.76 -6.30 32.56
N LEU A 208 9.08 -5.98 33.82
CA LEU A 208 10.06 -4.95 34.11
C LEU A 208 11.37 -5.60 34.59
N LYS A 209 12.40 -5.55 33.75
CA LYS A 209 13.69 -6.13 34.10
C LYS A 209 14.60 -5.07 34.72
N LYS A 222 16.92 0.44 31.63
CA LYS A 222 15.55 0.10 32.01
C LYS A 222 14.74 -0.54 30.86
N ASP A 223 14.08 -1.67 31.14
CA ASP A 223 13.28 -2.37 30.14
C ASP A 223 11.85 -2.68 30.58
N ILE A 224 10.91 -1.94 30.00
CA ILE A 224 9.48 -2.19 30.16
C ILE A 224 8.98 -3.05 29.00
N GLU A 225 8.27 -4.12 29.32
CA GLU A 225 7.61 -4.93 28.31
C GLU A 225 6.18 -5.22 28.69
N PHE A 226 5.30 -5.13 27.69
CA PHE A 226 3.93 -5.63 27.80
C PHE A 226 3.82 -6.75 26.80
N THR A 227 3.62 -7.97 27.30
CA THR A 227 3.52 -9.14 26.43
C THR A 227 2.09 -9.68 26.39
N PHE A 228 1.56 -9.74 25.18
CA PHE A 228 0.15 -9.99 24.98
C PHE A 228 -0.12 -11.47 24.74
N VAL A 229 0.71 -12.10 23.91
CA VAL A 229 0.53 -13.50 23.54
C VAL A 229 1.88 -14.16 23.21
N GLU A 230 2.25 -15.19 23.96
CA GLU A 230 3.46 -16.00 23.69
C GLU A 230 3.12 -17.49 23.52
N LYS A 231 3.16 -18.00 22.29
CA LYS A 231 2.68 -19.35 22.01
C LYS A 231 3.64 -20.22 21.18
N LYS A 232 4.71 -19.59 20.68
CA LYS A 232 5.66 -20.18 19.72
C LYS A 232 5.13 -20.31 18.30
N GLU A 233 3.84 -20.06 18.13
CA GLU A 233 3.26 -19.95 16.79
C GLU A 233 2.70 -18.55 16.56
N GLU A 234 2.61 -17.76 17.63
CA GLU A 234 2.26 -16.35 17.48
C GLU A 234 2.74 -15.50 18.67
N ASN A 235 3.18 -14.27 18.38
CA ASN A 235 3.83 -13.42 19.39
C ASN A 235 3.56 -11.92 19.24
N ILE A 236 2.66 -11.40 20.07
CA ILE A 236 2.35 -9.98 20.09
C ILE A 236 2.98 -9.40 21.35
N TYR A 237 3.78 -8.35 21.22
CA TYR A 237 4.32 -7.70 22.41
C TYR A 237 4.85 -6.29 22.14
N PHE A 238 4.95 -5.53 23.21
CA PHE A 238 5.47 -4.17 23.19
C PHE A 238 6.67 -4.13 24.15
N SER A 239 7.76 -3.50 23.73
CA SER A 239 8.89 -3.26 24.62
C SER A 239 9.20 -1.75 24.62
N ASP A 240 9.61 -1.23 25.77
CA ASP A 240 10.11 0.15 25.87
C ASP A 240 11.40 0.22 26.70
N SER A 241 12.42 0.86 26.13
CA SER A 241 13.66 1.06 26.85
C SER A 241 14.12 2.51 26.89
N LEU A 242 14.84 2.86 27.95
CA LEU A 242 15.61 4.08 27.97
C LEU A 242 16.99 3.71 28.47
N ASP A 243 18.01 4.06 27.70
CA ASP A 243 19.38 3.73 28.05
C ASP A 243 20.27 4.98 27.96
N TYR A 244 21.43 4.91 28.60
CA TYR A 244 22.35 6.03 28.71
C TYR A 244 23.78 5.57 28.50
N LYS A 245 24.40 6.05 27.43
CA LYS A 245 25.73 5.57 27.07
C LYS A 245 26.69 6.73 26.90
N LYS A 246 27.93 6.40 26.57
CA LYS A 246 28.88 7.38 26.11
C LYS A 246 28.59 7.62 24.62
N SER A 247 29.07 8.74 24.11
CA SER A 247 28.84 9.05 22.70
C SER A 247 30.00 8.60 21.82
N TYR B 38 29.46 -14.57 -13.96
CA TYR B 38 30.52 -14.10 -13.06
C TYR B 38 31.88 -14.15 -13.78
N PRO B 39 32.78 -13.19 -13.49
CA PRO B 39 32.52 -12.03 -12.64
C PRO B 39 32.07 -10.85 -13.47
N ILE B 40 31.68 -9.78 -12.77
CA ILE B 40 31.34 -8.49 -13.37
C ILE B 40 32.10 -7.42 -12.59
N LYS B 41 33.32 -7.13 -13.01
CA LYS B 41 34.20 -6.22 -12.28
C LYS B 41 33.65 -4.80 -12.23
N ASN B 42 33.12 -4.33 -13.35
CA ASN B 42 32.64 -2.94 -13.41
C ASN B 42 31.14 -2.78 -13.26
N LEU B 43 30.74 -2.26 -12.10
CA LEU B 43 29.34 -2.25 -11.65
C LEU B 43 28.40 -1.54 -12.62
N GLU B 44 28.81 -0.37 -13.08
CA GLU B 44 27.99 0.45 -13.97
C GLU B 44 27.57 -0.28 -15.27
N ASP B 45 28.11 -1.47 -15.48
CA ASP B 45 27.73 -2.31 -16.61
C ASP B 45 26.45 -3.04 -16.30
N LEU B 46 26.12 -3.07 -15.01
CA LEU B 46 24.95 -3.79 -14.53
C LEU B 46 23.68 -2.95 -14.63
N TYR B 47 23.88 -1.64 -14.73
CA TYR B 47 22.80 -0.71 -15.01
C TYR B 47 22.11 -1.07 -16.32
N ASP B 48 22.89 -1.59 -17.27
CA ASP B 48 22.35 -1.90 -18.60
C ASP B 48 21.93 -3.36 -18.68
N LYS B 49 21.91 -4.03 -17.54
CA LYS B 49 21.59 -5.45 -17.48
C LYS B 49 20.14 -5.62 -17.09
N GLU B 50 19.39 -6.32 -17.93
CA GLU B 50 17.96 -6.46 -17.71
C GLU B 50 17.62 -7.76 -17.01
N GLY B 51 16.59 -7.73 -16.18
CA GLY B 51 16.26 -8.89 -15.38
C GLY B 51 14.94 -9.51 -15.75
N TYR B 52 14.39 -10.30 -14.83
CA TYR B 52 13.14 -11.01 -15.04
C TYR B 52 11.99 -10.39 -14.22
N ASP B 58 5.07 -3.59 -14.19
CA ASP B 58 4.85 -2.19 -14.53
C ASP B 58 5.65 -1.78 -15.77
N LYS B 59 5.07 -0.88 -16.55
CA LYS B 59 5.70 -0.42 -17.79
C LYS B 59 6.88 0.49 -17.49
N ASN B 60 6.59 1.61 -16.82
CA ASN B 60 7.65 2.56 -16.50
C ASN B 60 8.55 2.08 -15.35
N ASP B 61 8.62 0.77 -15.16
CA ASP B 61 9.48 0.16 -14.14
C ASP B 61 10.66 -0.60 -14.74
N LYS B 62 11.81 0.08 -14.81
CA LYS B 62 13.00 -0.51 -15.38
C LYS B 62 13.58 -1.61 -14.49
N GLY B 63 13.30 -1.53 -13.20
CA GLY B 63 13.71 -2.57 -12.28
C GLY B 63 14.81 -2.11 -11.38
N THR B 64 15.09 -2.88 -10.33
CA THR B 64 16.14 -2.53 -9.39
C THR B 64 17.08 -3.70 -9.11
N TRP B 65 18.38 -3.42 -9.17
CA TRP B 65 19.40 -4.41 -8.85
C TRP B 65 19.88 -4.28 -7.41
N ILE B 66 19.58 -5.27 -6.58
CA ILE B 66 20.03 -5.23 -5.19
C ILE B 66 21.16 -6.21 -4.95
N ILE B 67 22.29 -5.69 -4.48
CA ILE B 67 23.49 -6.47 -4.27
C ILE B 67 23.70 -6.67 -2.78
N ASN B 68 24.16 -7.85 -2.40
CA ASN B 68 24.53 -8.06 -1.01
C ASN B 68 25.66 -9.03 -0.97
N SER B 69 26.81 -8.59 -0.45
CA SER B 69 27.91 -9.46 -0.06
C SER B 69 28.18 -9.29 1.43
N GLU B 70 28.28 -10.40 2.17
CA GLU B 70 28.35 -10.36 3.64
C GLU B 70 29.24 -11.46 4.27
N MET B 71 30.28 -11.07 5.00
CA MET B 71 31.03 -12.09 5.71
C MET B 71 30.55 -12.20 7.16
N VAL B 72 30.26 -13.42 7.57
CA VAL B 72 29.90 -13.68 8.96
C VAL B 72 30.93 -14.58 9.62
N ILE B 73 31.40 -14.14 10.78
CA ILE B 73 32.28 -14.96 11.61
C ILE B 73 31.71 -15.01 13.03
N GLN B 74 31.30 -16.19 13.47
CA GLN B 74 30.97 -16.42 14.86
C GLN B 74 31.94 -17.46 15.37
N PRO B 75 33.15 -17.03 15.76
CA PRO B 75 34.05 -18.07 16.27
C PRO B 75 33.47 -18.69 17.54
N ASN B 76 33.78 -19.96 17.78
CA ASN B 76 33.28 -20.67 18.95
C ASN B 76 33.52 -19.87 20.24
N ASN B 77 32.54 -19.90 21.14
CA ASN B 77 32.56 -19.15 22.42
C ASN B 77 32.35 -17.63 22.29
N GLU B 78 32.56 -17.10 21.10
CA GLU B 78 32.59 -15.65 20.92
C GLU B 78 31.39 -15.16 20.11
N ASP B 79 31.16 -13.85 20.12
CA ASP B 79 30.03 -13.24 19.40
C ASP B 79 30.04 -13.53 17.92
N MET B 80 28.84 -13.53 17.32
CA MET B 80 28.73 -13.59 15.89
C MET B 80 28.87 -12.19 15.38
N VAL B 81 29.67 -12.04 14.33
CA VAL B 81 29.81 -10.75 13.69
C VAL B 81 29.69 -10.91 12.19
N ALA B 82 28.84 -10.07 11.60
CA ALA B 82 28.68 -9.99 10.15
C ALA B 82 29.10 -8.60 9.71
N LYS B 83 29.77 -8.51 8.57
CA LYS B 83 30.09 -7.22 7.98
C LYS B 83 29.82 -7.34 6.50
N GLY B 84 29.32 -6.28 5.89
CA GLY B 84 28.99 -6.32 4.49
C GLY B 84 28.28 -5.07 4.03
N MET B 85 27.80 -5.07 2.80
CA MET B 85 27.21 -3.88 2.23
C MET B 85 26.00 -4.24 1.38
N VAL B 86 25.10 -3.27 1.19
CA VAL B 86 23.99 -3.41 0.26
C VAL B 86 23.93 -2.21 -0.66
N LEU B 87 23.75 -2.47 -1.96
CA LEU B 87 23.55 -1.40 -2.92
C LEU B 87 22.32 -1.70 -3.77
N TYR B 88 21.56 -0.65 -4.08
CA TYR B 88 20.40 -0.78 -4.95
C TYR B 88 20.67 -0.04 -6.25
N MET B 89 20.75 -0.78 -7.36
CA MET B 89 21.00 -0.15 -8.65
C MET B 89 19.68 0.15 -9.29
N ASN B 90 19.18 1.36 -9.07
CA ASN B 90 17.93 1.79 -9.67
C ASN B 90 18.15 2.16 -11.14
N ARG B 91 17.62 1.32 -12.03
CA ARG B 91 17.81 1.48 -13.46
C ARG B 91 17.01 2.68 -13.97
N ASN B 92 15.96 3.07 -13.24
CA ASN B 92 15.19 4.27 -13.54
C ASN B 92 16.00 5.57 -13.42
N THR B 93 16.75 5.66 -12.32
CA THR B 93 17.50 6.86 -12.01
C THR B 93 18.98 6.77 -12.48
N LYS B 94 19.41 5.55 -12.81
CA LYS B 94 20.83 5.24 -13.01
C LYS B 94 21.66 5.76 -11.85
N THR B 95 21.15 5.53 -10.65
CA THR B 95 21.83 5.94 -9.44
C THR B 95 21.76 4.79 -8.48
N THR B 96 22.83 4.63 -7.71
CA THR B 96 22.92 3.53 -6.76
C THR B 96 23.26 4.00 -5.35
N ASN B 97 22.37 3.69 -4.41
CA ASN B 97 22.47 4.17 -3.04
C ASN B 97 22.30 3.03 -2.03
N GLY B 98 23.07 3.06 -0.95
CA GLY B 98 22.96 2.04 0.08
C GLY B 98 23.69 2.37 1.38
N TYR B 99 24.28 1.34 1.98
CA TYR B 99 24.96 1.47 3.25
C TYR B 99 25.87 0.27 3.42
N TYR B 100 26.87 0.40 4.28
CA TYR B 100 27.76 -0.71 4.66
C TYR B 100 27.45 -1.06 6.10
N TYR B 101 27.20 -2.33 6.39
CA TYR B 101 26.73 -2.71 7.73
C TYR B 101 27.72 -3.50 8.60
N VAL B 102 27.52 -3.37 9.92
CA VAL B 102 28.30 -4.07 10.94
C VAL B 102 27.32 -4.50 12.01
N ASP B 103 26.96 -5.78 11.96
CA ASP B 103 25.96 -6.37 12.85
C ASP B 103 26.76 -7.11 13.89
N VAL B 104 26.41 -6.98 15.17
CA VAL B 104 27.05 -7.79 16.23
C VAL B 104 25.94 -8.61 16.89
N THR B 105 26.24 -9.82 17.34
CA THR B 105 25.16 -10.71 17.73
C THR B 105 25.49 -11.65 18.89
N ASN B 116 21.28 -3.87 17.54
CA ASN B 116 22.45 -3.38 16.81
C ASN B 116 22.32 -3.66 15.33
N GLU B 117 22.70 -2.66 14.55
CA GLU B 117 23.23 -2.86 13.21
C GLU B 117 23.65 -1.49 12.78
N LYS B 118 24.95 -1.22 12.89
CA LYS B 118 25.54 0.01 12.42
C LYS B 118 25.45 0.02 10.91
N ARG B 119 24.75 0.99 10.36
CA ARG B 119 24.70 1.15 8.92
C ARG B 119 25.44 2.44 8.56
N TYR B 120 26.23 2.40 7.50
CA TYR B 120 26.98 3.56 7.08
C TYR B 120 26.63 3.78 5.63
N PRO B 121 25.89 4.87 5.34
CA PRO B 121 25.37 5.13 3.99
C PRO B 121 26.46 5.45 2.95
N VAL B 122 26.21 4.99 1.73
CA VAL B 122 27.16 5.08 0.62
C VAL B 122 26.41 5.24 -0.71
N LYS B 123 27.05 5.85 -1.70
CA LYS B 123 26.49 5.88 -3.04
C LYS B 123 27.46 5.27 -4.02
N MET B 124 27.04 5.12 -5.27
CA MET B 124 27.89 4.42 -6.22
C MET B 124 27.88 5.04 -7.60
N VAL B 125 28.99 5.67 -7.96
CA VAL B 125 29.19 6.17 -9.31
C VAL B 125 30.61 5.83 -9.77
N ASP B 126 30.78 5.66 -11.08
CA ASP B 126 32.06 5.28 -11.70
C ASP B 126 32.79 4.15 -10.97
N ASN B 127 32.06 3.07 -10.66
CA ASN B 127 32.57 1.90 -9.95
C ASN B 127 33.34 2.31 -8.70
N LYS B 128 32.73 3.20 -7.93
CA LYS B 128 33.27 3.59 -6.63
C LYS B 128 32.16 3.62 -5.61
N ILE B 129 32.50 3.16 -4.41
CA ILE B 129 31.59 3.25 -3.28
C ILE B 129 32.02 4.47 -2.47
N ILE B 130 31.06 5.33 -2.15
CA ILE B 130 31.42 6.58 -1.50
C ILE B 130 30.53 6.94 -0.32
N PRO B 131 31.14 7.04 0.88
CA PRO B 131 30.43 7.25 2.13
C PRO B 131 29.61 8.53 2.13
N THR B 132 28.29 8.39 1.95
CA THR B 132 27.43 9.56 1.81
C THR B 132 27.55 10.42 3.06
N LYS B 133 27.37 9.80 4.21
CA LYS B 133 27.60 10.46 5.48
C LYS B 133 29.01 10.12 5.95
N GLU B 134 29.58 10.96 6.81
CA GLU B 134 30.98 10.80 7.23
C GLU B 134 31.19 9.72 8.30
N ILE B 135 32.31 9.01 8.21
CA ILE B 135 32.57 7.88 9.09
C ILE B 135 33.76 8.14 10.00
N LYS B 136 33.52 8.18 11.30
CA LYS B 136 34.57 8.55 12.25
C LYS B 136 35.73 7.56 12.32
N ASP B 137 35.55 6.40 11.72
CA ASP B 137 36.55 5.35 11.78
C ASP B 137 37.22 5.18 10.42
N GLU B 138 38.52 5.45 10.37
CA GLU B 138 39.25 5.38 9.11
C GLU B 138 39.30 3.95 8.56
N LYS B 139 39.18 2.98 9.46
CA LYS B 139 39.22 1.55 9.13
C LYS B 139 38.02 1.12 8.25
N ILE B 140 36.81 1.46 8.70
CA ILE B 140 35.61 1.17 7.95
C ILE B 140 35.55 1.99 6.65
N LYS B 141 35.93 3.27 6.73
CA LYS B 141 35.96 4.14 5.53
C LYS B 141 36.85 3.54 4.47
N LYS B 142 38.11 3.28 4.84
CA LYS B 142 39.02 2.53 3.98
C LYS B 142 38.35 1.26 3.45
N GLU B 143 37.87 0.38 4.34
CA GLU B 143 37.12 -0.82 3.96
C GLU B 143 36.01 -0.53 2.97
N ILE B 144 35.22 0.49 3.26
CA ILE B 144 34.13 0.92 2.39
C ILE B 144 34.57 1.33 0.98
N GLU B 145 35.61 2.16 0.85
CA GLU B 145 36.12 2.53 -0.48
C GLU B 145 36.61 1.29 -1.20
N ASN B 146 37.37 0.47 -0.46
CA ASN B 146 38.03 -0.72 -0.99
C ASN B 146 37.11 -1.92 -1.16
N PHE B 147 35.85 -1.75 -0.80
CA PHE B 147 34.94 -2.89 -0.79
C PHE B 147 34.69 -3.44 -2.18
N LYS B 148 34.72 -4.76 -2.30
CA LYS B 148 34.37 -5.43 -3.54
C LYS B 148 33.22 -6.38 -3.24
N PHE B 149 32.24 -6.41 -4.13
CA PHE B 149 31.21 -7.43 -4.03
C PHE B 149 31.74 -8.63 -4.75
N PHE B 150 31.27 -9.81 -4.37
CA PHE B 150 31.77 -11.06 -4.93
C PHE B 150 31.80 -11.05 -6.46
N VAL B 151 30.76 -10.47 -7.03
CA VAL B 151 30.58 -10.45 -8.48
C VAL B 151 31.73 -9.79 -9.22
N GLN B 152 32.61 -9.10 -8.49
CA GLN B 152 33.75 -8.42 -9.10
C GLN B 152 35.07 -9.14 -8.88
N TYR B 153 35.02 -10.39 -8.43
CA TYR B 153 36.25 -11.16 -8.26
C TYR B 153 36.04 -12.68 -8.29
N GLY B 154 34.78 -13.10 -8.36
CA GLY B 154 34.48 -14.51 -8.40
C GLY B 154 34.22 -15.05 -9.80
N ASP B 155 34.99 -16.06 -10.19
CA ASP B 155 34.84 -16.76 -11.46
C ASP B 155 34.33 -18.17 -11.14
N PHE B 156 33.54 -18.76 -12.04
CA PHE B 156 33.12 -20.14 -11.85
C PHE B 156 33.58 -21.06 -13.01
N LYS B 157 34.54 -21.94 -12.72
CA LYS B 157 34.88 -23.04 -13.61
C LYS B 157 34.89 -24.31 -12.75
N ASN B 158 33.69 -24.74 -12.35
CA ASN B 158 33.57 -25.87 -11.45
C ASN B 158 32.92 -27.10 -12.08
N LEU B 159 33.59 -28.23 -11.93
CA LEU B 159 33.16 -29.49 -12.50
C LEU B 159 33.17 -30.55 -11.41
N SER B 177 19.31 -25.04 -6.08
CA SER B 177 20.04 -25.73 -5.02
C SER B 177 21.08 -26.70 -5.59
N ALA B 178 22.34 -26.23 -5.63
CA ALA B 178 23.49 -27.09 -5.95
C ALA B 178 24.47 -26.99 -4.80
N LYS B 179 24.98 -28.12 -4.32
CA LYS B 179 25.85 -28.13 -3.16
C LYS B 179 27.17 -28.86 -3.44
N TYR B 180 28.28 -28.18 -3.18
CA TYR B 180 29.60 -28.69 -3.57
C TYR B 180 30.58 -28.71 -2.40
N GLN B 181 31.38 -29.75 -2.33
CA GLN B 181 32.50 -29.70 -1.41
C GLN B 181 33.69 -29.09 -2.17
N LEU B 182 34.06 -27.85 -1.79
CA LEU B 182 35.18 -27.20 -2.43
C LEU B 182 36.43 -27.72 -1.79
N THR B 183 37.57 -27.41 -2.41
CA THR B 183 38.88 -27.74 -1.87
C THR B 183 39.67 -26.44 -1.78
N ASN B 184 40.50 -26.30 -0.73
CA ASN B 184 41.08 -25.01 -0.35
C ASN B 184 41.84 -24.26 -1.45
N ASP B 185 42.16 -24.97 -2.53
CA ASP B 185 42.82 -24.36 -3.69
C ASP B 185 41.83 -23.92 -4.77
N ASP B 186 40.55 -23.84 -4.42
CA ASP B 186 39.58 -23.26 -5.34
C ASP B 186 39.81 -21.75 -5.40
N TYR B 187 39.55 -21.17 -6.57
CA TYR B 187 39.83 -19.77 -6.81
C TYR B 187 39.04 -18.86 -5.86
N ASN B 188 37.73 -19.04 -5.89
CA ASN B 188 36.83 -18.28 -5.04
C ASN B 188 37.22 -18.39 -3.56
N VAL B 189 37.52 -19.61 -3.12
CA VAL B 189 37.97 -19.87 -1.75
C VAL B 189 39.23 -19.06 -1.43
N LYS B 190 40.15 -18.99 -2.38
CA LYS B 190 41.36 -18.18 -2.23
C LYS B 190 41.05 -16.66 -2.20
N GLN B 191 40.01 -16.25 -2.91
CA GLN B 191 39.62 -14.85 -2.88
C GLN B 191 39.11 -14.41 -1.52
N LEU B 192 38.21 -15.18 -0.93
CA LEU B 192 37.68 -14.83 0.37
C LEU B 192 38.70 -14.90 1.51
N ARG B 193 39.60 -15.88 1.45
CA ARG B 193 40.61 -16.04 2.50
C ARG B 193 41.61 -14.90 2.50
N LYS B 194 41.87 -14.34 1.31
CA LYS B 194 42.81 -13.25 1.18
C LYS B 194 42.10 -11.93 1.48
N ARG B 195 40.78 -11.98 1.43
CA ARG B 195 39.95 -10.79 1.68
C ARG B 195 39.48 -10.73 3.11
N TYR B 196 39.20 -11.89 3.69
CA TYR B 196 38.69 -11.94 5.05
C TYR B 196 39.56 -12.89 5.84
N ASP B 197 39.54 -12.72 7.15
CA ASP B 197 40.36 -13.52 8.03
C ASP B 197 39.56 -14.71 8.50
N ILE B 198 39.39 -15.65 7.59
CA ILE B 198 38.61 -16.85 7.85
C ILE B 198 39.41 -17.82 8.69
N PRO B 199 39.17 -17.80 10.01
CA PRO B 199 40.00 -18.47 11.02
C PRO B 199 39.67 -19.94 11.07
N THR B 200 39.64 -20.57 9.91
CA THR B 200 39.56 -22.01 9.84
C THR B 200 40.20 -22.44 8.54
N SER B 201 40.90 -23.57 8.58
CA SER B 201 41.54 -24.13 7.39
C SER B 201 40.56 -25.06 6.66
N LYS B 202 39.31 -25.04 7.10
CA LYS B 202 38.28 -25.88 6.54
C LYS B 202 37.95 -25.50 5.10
N ALA B 203 38.02 -26.47 4.20
CA ALA B 203 37.67 -26.25 2.81
C ALA B 203 36.15 -26.23 2.66
N PRO B 204 35.59 -25.03 2.45
CA PRO B 204 34.16 -24.73 2.53
C PRO B 204 33.27 -25.53 1.57
N LYS B 205 31.96 -25.41 1.78
CA LYS B 205 30.95 -25.94 0.86
C LYS B 205 30.30 -24.78 0.12
N LEU B 206 29.94 -25.01 -1.14
CA LEU B 206 29.39 -23.97 -2.01
C LEU B 206 27.92 -24.24 -2.32
N LEU B 207 27.10 -23.21 -2.17
CA LEU B 207 25.67 -23.32 -2.47
C LEU B 207 25.18 -22.25 -3.46
N LEU B 208 24.29 -22.64 -4.38
CA LEU B 208 23.75 -21.72 -5.40
C LEU B 208 22.22 -21.71 -5.42
N LYS B 209 21.63 -20.76 -6.14
CA LYS B 209 20.17 -20.73 -6.33
C LYS B 209 19.78 -20.45 -7.78
N LYS B 222 18.52 -15.60 -5.88
CA LYS B 222 19.63 -15.80 -6.80
C LYS B 222 20.97 -15.61 -6.09
N ASP B 223 21.15 -16.30 -4.97
CA ASP B 223 22.25 -16.03 -4.04
C ASP B 223 23.20 -17.22 -3.90
N ILE B 224 24.47 -16.92 -3.63
CA ILE B 224 25.50 -17.95 -3.49
C ILE B 224 26.11 -17.93 -2.09
N GLU B 225 26.51 -19.10 -1.59
CA GLU B 225 27.05 -19.21 -0.23
C GLU B 225 28.22 -20.20 -0.10
N PHE B 226 29.24 -19.76 0.63
CA PHE B 226 30.40 -20.58 0.94
C PHE B 226 30.34 -20.78 2.46
N THR B 227 30.05 -22.00 2.93
CA THR B 227 29.97 -22.24 4.38
C THR B 227 31.16 -23.05 4.91
N PHE B 228 31.87 -22.49 5.89
CA PHE B 228 33.04 -23.12 6.48
C PHE B 228 32.69 -23.97 7.68
N VAL B 229 31.71 -23.51 8.46
CA VAL B 229 31.36 -24.15 9.71
C VAL B 229 29.85 -23.99 9.95
N GLU B 230 29.19 -25.05 10.42
CA GLU B 230 27.81 -24.95 10.88
C GLU B 230 27.65 -25.58 12.26
N LYS B 231 28.41 -25.08 13.22
CA LYS B 231 28.54 -25.75 14.52
C LYS B 231 27.61 -25.19 15.57
N LYS B 232 26.62 -24.41 15.14
CA LYS B 232 25.58 -23.88 16.04
C LYS B 232 26.07 -22.85 17.07
N GLU B 233 27.21 -23.12 17.71
CA GLU B 233 27.85 -22.16 18.62
C GLU B 233 29.06 -21.53 17.93
N GLU B 234 29.26 -21.94 16.69
CA GLU B 234 30.27 -21.41 15.81
C GLU B 234 29.75 -21.54 14.40
N ASN B 235 29.87 -20.46 13.64
CA ASN B 235 29.32 -20.38 12.30
C ASN B 235 30.19 -19.45 11.44
N ILE B 236 30.78 -19.99 10.38
CA ILE B 236 31.60 -19.20 9.47
C ILE B 236 31.13 -19.37 8.01
N TYR B 237 30.67 -18.28 7.39
CA TYR B 237 30.21 -18.32 6.00
C TYR B 237 30.12 -16.93 5.32
N PHE B 238 30.11 -16.95 4.00
CA PHE B 238 30.02 -15.75 3.17
C PHE B 238 28.85 -15.96 2.21
N SER B 239 28.17 -14.90 1.81
CA SER B 239 27.07 -15.02 0.84
C SER B 239 26.94 -13.79 -0.07
N ASP B 240 26.32 -13.98 -1.23
CA ASP B 240 26.23 -12.92 -2.25
C ASP B 240 24.95 -13.03 -3.08
N SER B 241 23.98 -12.16 -2.79
CA SER B 241 22.75 -12.09 -3.57
C SER B 241 22.86 -11.07 -4.71
N LEU B 242 22.07 -11.29 -5.74
CA LEU B 242 21.88 -10.27 -6.76
C LEU B 242 20.42 -10.34 -7.16
N ASP B 243 19.69 -9.26 -6.89
CA ASP B 243 18.24 -9.28 -7.04
C ASP B 243 17.76 -8.23 -8.03
N TYR B 244 16.87 -8.66 -8.92
CA TYR B 244 16.23 -7.74 -9.88
C TYR B 244 14.79 -7.52 -9.50
N LYS B 245 14.53 -6.44 -8.78
CA LYS B 245 13.20 -6.21 -8.26
C LYS B 245 12.53 -5.01 -8.92
N LYS B 246 11.28 -4.76 -8.53
CA LYS B 246 10.54 -3.61 -9.00
C LYS B 246 11.02 -2.35 -8.28
N SER B 247 11.15 -1.24 -9.00
CA SER B 247 11.74 -0.04 -8.38
C SER B 247 10.96 0.45 -7.15
N THR C 34 -8.94 -9.72 -36.91
CA THR C 34 -8.25 -9.40 -35.67
C THR C 34 -8.16 -7.92 -35.58
N LEU C 35 -7.21 -7.42 -36.34
CA LEU C 35 -6.93 -6.02 -36.52
C LEU C 35 -7.80 -5.45 -37.64
N SER C 36 -7.91 -6.22 -38.73
CA SER C 36 -8.54 -5.75 -39.97
C SER C 36 -10.01 -5.47 -39.80
N MET C 37 -10.59 -6.09 -38.77
CA MET C 37 -12.00 -5.92 -38.46
C MET C 37 -12.31 -4.43 -38.42
N TYR C 38 -11.43 -3.70 -37.75
CA TYR C 38 -11.49 -2.24 -37.64
C TYR C 38 -11.60 -1.49 -38.96
N PRO C 39 -12.46 -0.47 -39.01
CA PRO C 39 -13.45 -0.06 -38.00
C PRO C 39 -14.86 -0.57 -38.35
N ILE C 40 -15.72 -0.69 -37.34
CA ILE C 40 -17.05 -1.22 -37.57
C ILE C 40 -18.06 -0.15 -38.00
N LYS C 41 -17.80 1.10 -37.62
CA LYS C 41 -18.59 2.25 -38.06
C LYS C 41 -20.04 2.24 -37.56
N ASN C 42 -20.77 1.15 -37.78
CA ASN C 42 -22.13 1.01 -37.27
C ASN C 42 -22.17 -0.01 -36.15
N LEU C 43 -22.51 0.43 -34.94
CA LEU C 43 -22.48 -0.47 -33.79
C LEU C 43 -23.55 -1.54 -33.93
N GLU C 44 -24.67 -1.17 -34.53
CA GLU C 44 -25.78 -2.11 -34.79
C GLU C 44 -25.30 -3.50 -35.27
N ASP C 45 -24.27 -3.51 -36.11
CA ASP C 45 -23.77 -4.75 -36.70
C ASP C 45 -23.20 -5.75 -35.70
N LEU C 46 -23.16 -5.39 -34.42
CA LEU C 46 -22.69 -6.33 -33.39
C LEU C 46 -23.80 -7.22 -32.85
N TYR C 47 -25.02 -7.00 -33.32
CA TYR C 47 -26.14 -7.85 -32.91
C TYR C 47 -25.97 -9.19 -33.59
N ASP C 48 -25.39 -9.15 -34.78
CA ASP C 48 -25.16 -10.35 -35.56
C ASP C 48 -23.78 -10.99 -35.31
N LYS C 49 -23.00 -10.47 -34.38
CA LYS C 49 -21.66 -11.03 -34.16
C LYS C 49 -21.65 -11.98 -32.98
N GLU C 50 -20.84 -13.02 -33.10
CA GLU C 50 -20.77 -14.07 -32.09
C GLU C 50 -19.34 -14.14 -31.56
N GLY C 51 -19.19 -14.34 -30.24
CA GLY C 51 -17.88 -14.44 -29.63
C GLY C 51 -17.64 -15.83 -29.07
N TYR C 52 -16.61 -15.98 -28.24
CA TYR C 52 -16.31 -17.28 -27.64
C TYR C 52 -17.32 -17.61 -26.53
N ARG C 53 -17.99 -18.75 -26.69
CA ARG C 53 -18.92 -19.22 -25.69
C ARG C 53 -18.23 -20.13 -24.68
N ASP C 54 -18.61 -19.99 -23.42
CA ASP C 54 -18.15 -20.84 -22.35
C ASP C 54 -19.06 -22.06 -22.33
N ASP C 55 -18.95 -22.89 -21.30
CA ASP C 55 -19.98 -23.88 -21.06
C ASP C 55 -21.01 -23.21 -20.16
N GLN C 56 -20.65 -22.04 -19.66
CA GLN C 56 -21.50 -21.33 -18.72
C GLN C 56 -22.61 -20.57 -19.44
N PHE C 57 -22.51 -20.49 -20.76
CA PHE C 57 -23.55 -19.89 -21.57
C PHE C 57 -24.75 -20.81 -21.70
N ASP C 58 -25.94 -20.23 -21.55
CA ASP C 58 -27.15 -20.98 -21.85
C ASP C 58 -27.29 -21.16 -23.35
N LYS C 59 -27.73 -22.34 -23.75
CA LYS C 59 -27.84 -22.71 -25.15
C LYS C 59 -28.60 -21.70 -26.02
N ASN C 60 -29.56 -21.00 -25.42
CA ASN C 60 -30.34 -20.00 -26.14
C ASN C 60 -29.96 -18.56 -25.82
N ASP C 61 -28.90 -18.38 -25.03
CA ASP C 61 -28.34 -17.06 -24.73
C ASP C 61 -27.39 -16.60 -25.84
N LYS C 62 -27.88 -15.77 -26.76
CA LYS C 62 -27.06 -15.26 -27.86
C LYS C 62 -25.88 -14.40 -27.37
N GLY C 63 -25.94 -13.97 -26.11
CA GLY C 63 -24.84 -13.21 -25.57
C GLY C 63 -25.05 -11.71 -25.65
N THR C 64 -24.16 -11.01 -24.96
CA THR C 64 -24.20 -9.57 -24.85
C THR C 64 -22.79 -8.99 -25.02
N TRP C 65 -22.61 -8.14 -26.01
CA TRP C 65 -21.35 -7.43 -26.18
C TRP C 65 -21.24 -6.31 -25.18
N ILE C 66 -20.07 -6.18 -24.54
CA ILE C 66 -19.82 -4.99 -23.74
C ILE C 66 -18.75 -4.14 -24.40
N ILE C 67 -19.08 -2.89 -24.71
CA ILE C 67 -18.16 -1.97 -25.33
C ILE C 67 -17.81 -0.84 -24.35
N ASN C 68 -16.56 -0.37 -24.39
CA ASN C 68 -16.10 0.65 -23.46
C ASN C 68 -14.91 1.42 -24.02
N SER C 69 -15.12 2.68 -24.38
CA SER C 69 -14.02 3.57 -24.73
C SER C 69 -13.93 4.62 -23.65
N GLU C 70 -12.72 4.98 -23.24
CA GLU C 70 -12.57 6.08 -22.27
C GLU C 70 -11.23 6.82 -22.33
N MET C 71 -11.28 8.12 -22.05
CA MET C 71 -10.08 8.94 -22.00
C MET C 71 -9.82 9.28 -20.54
N VAL C 72 -8.58 9.10 -20.10
CA VAL C 72 -8.20 9.47 -18.74
C VAL C 72 -7.13 10.56 -18.78
N ILE C 73 -7.41 11.68 -18.13
CA ILE C 73 -6.49 12.82 -18.14
C ILE C 73 -6.24 13.39 -16.75
N GLN C 74 -5.05 13.14 -16.23
CA GLN C 74 -4.61 13.73 -14.98
C GLN C 74 -3.37 14.55 -15.24
N PRO C 75 -3.53 15.87 -15.44
CA PRO C 75 -2.32 16.68 -15.68
C PRO C 75 -1.56 16.79 -14.37
N ASN C 76 -0.24 17.05 -14.44
CA ASN C 76 0.52 17.17 -13.20
C ASN C 76 -0.11 18.18 -12.25
N ASN C 77 -0.21 17.78 -10.99
CA ASN C 77 -0.72 18.65 -9.93
C ASN C 77 -2.20 19.02 -10.07
N GLU C 78 -2.94 18.20 -10.82
CA GLU C 78 -4.40 18.27 -10.89
C GLU C 78 -4.94 16.85 -10.86
N ASP C 79 -6.21 16.70 -10.45
CA ASP C 79 -6.80 15.37 -10.25
C ASP C 79 -6.97 14.60 -11.56
N MET C 80 -7.31 13.31 -11.44
CA MET C 80 -7.55 12.47 -12.60
C MET C 80 -9.01 12.47 -13.07
N VAL C 81 -9.23 13.01 -14.27
CA VAL C 81 -10.58 13.08 -14.81
C VAL C 81 -10.86 12.09 -15.95
N ALA C 82 -11.56 11.02 -15.61
CA ALA C 82 -11.96 10.00 -16.57
C ALA C 82 -13.34 10.32 -17.12
N LYS C 83 -13.54 10.00 -18.40
CA LYS C 83 -14.72 10.36 -19.17
C LYS C 83 -14.98 9.33 -20.26
N GLY C 84 -15.90 8.40 -19.99
CA GLY C 84 -16.18 7.31 -20.92
C GLY C 84 -17.65 6.95 -21.11
N MET C 85 -17.89 6.00 -22.01
CA MET C 85 -19.23 5.52 -22.30
C MET C 85 -19.16 4.01 -22.31
N VAL C 86 -20.15 3.35 -21.72
CA VAL C 86 -20.20 1.89 -21.75
C VAL C 86 -21.55 1.44 -22.29
N LEU C 87 -21.55 0.39 -23.11
CA LEU C 87 -22.80 -0.08 -23.73
C LEU C 87 -22.90 -1.59 -23.67
N TYR C 88 -24.04 -2.06 -23.20
CA TYR C 88 -24.30 -3.48 -23.13
C TYR C 88 -25.31 -3.77 -24.20
N MET C 89 -24.91 -4.60 -25.14
CA MET C 89 -25.65 -4.78 -26.38
C MET C 89 -26.24 -6.18 -26.33
N ASN C 90 -27.57 -6.25 -26.29
CA ASN C 90 -28.27 -7.52 -26.11
C ASN C 90 -28.67 -8.22 -27.41
N ARG C 91 -27.85 -9.17 -27.84
CA ARG C 91 -28.14 -9.95 -29.05
C ARG C 91 -29.45 -10.69 -28.98
N ASN C 92 -29.83 -11.12 -27.78
CA ASN C 92 -31.08 -11.83 -27.61
C ASN C 92 -32.25 -10.94 -27.95
N THR C 93 -32.32 -9.78 -27.29
CA THR C 93 -33.46 -8.89 -27.45
C THR C 93 -33.21 -7.69 -28.35
N LYS C 94 -32.05 -7.67 -29.01
CA LYS C 94 -31.72 -6.62 -29.99
C LYS C 94 -31.81 -5.21 -29.43
N THR C 95 -31.45 -5.05 -28.15
CA THR C 95 -31.45 -3.74 -27.52
C THR C 95 -30.11 -3.45 -26.87
N THR C 96 -29.77 -2.17 -26.75
CA THR C 96 -28.50 -1.73 -26.16
C THR C 96 -28.76 -0.65 -25.13
N ASN C 97 -28.35 -0.89 -23.90
CA ASN C 97 -28.45 0.14 -22.87
C ASN C 97 -27.11 0.29 -22.16
N GLY C 98 -26.86 1.49 -21.62
CA GLY C 98 -25.60 1.81 -20.95
C GLY C 98 -25.60 3.24 -20.44
N TYR C 99 -24.42 3.84 -20.33
CA TYR C 99 -24.34 5.19 -19.78
C TYR C 99 -23.04 5.92 -20.07
N TYR C 100 -23.12 7.25 -20.11
CA TYR C 100 -21.93 8.09 -20.12
C TYR C 100 -21.48 8.34 -18.68
N TYR C 101 -20.17 8.31 -18.42
CA TYR C 101 -19.70 8.50 -17.06
C TYR C 101 -18.47 9.40 -16.91
N VAL C 102 -18.41 10.10 -15.78
CA VAL C 102 -17.30 10.99 -15.47
C VAL C 102 -16.79 10.71 -14.06
N ASP C 103 -15.50 10.40 -13.94
CA ASP C 103 -14.88 10.22 -12.62
C ASP C 103 -13.91 11.34 -12.28
N VAL C 104 -13.95 11.76 -11.03
CA VAL C 104 -12.91 12.63 -10.51
C VAL C 104 -12.35 11.97 -9.25
N THR C 105 -11.41 11.05 -9.45
CA THR C 105 -10.77 10.31 -8.35
C THR C 105 -9.61 11.08 -7.70
N LYS C 106 -9.71 11.32 -6.39
CA LYS C 106 -8.63 11.96 -5.65
C LYS C 106 -7.48 10.98 -5.43
N ASP C 107 -7.78 9.70 -5.57
CA ASP C 107 -6.82 8.63 -5.37
C ASP C 107 -6.84 7.66 -6.55
N ASN C 116 -19.92 8.82 -6.17
CA ASN C 116 -18.50 8.61 -6.45
C ASN C 116 -18.14 8.89 -7.90
N GLU C 117 -18.67 8.06 -8.81
CA GLU C 117 -18.58 8.32 -10.24
C GLU C 117 -19.92 8.90 -10.69
N LYS C 118 -19.89 9.85 -11.62
CA LYS C 118 -21.15 10.42 -12.13
C LYS C 118 -21.53 9.71 -13.43
N ARG C 119 -22.77 9.26 -13.51
CA ARG C 119 -23.22 8.49 -14.67
C ARG C 119 -24.45 9.12 -15.30
N TYR C 120 -24.54 8.97 -16.61
CA TYR C 120 -25.65 9.49 -17.37
C TYR C 120 -26.12 8.37 -18.30
N PRO C 121 -27.22 7.68 -17.90
CA PRO C 121 -27.87 6.63 -18.70
C PRO C 121 -28.15 7.09 -20.12
N VAL C 122 -27.97 6.18 -21.08
CA VAL C 122 -28.28 6.47 -22.46
C VAL C 122 -28.84 5.23 -23.11
N LYS C 123 -29.27 5.36 -24.35
CA LYS C 123 -29.67 4.21 -25.13
C LYS C 123 -29.03 4.39 -26.48
N MET C 124 -28.71 3.28 -27.13
CA MET C 124 -28.27 3.29 -28.50
C MET C 124 -29.45 2.65 -29.21
N VAL C 125 -29.96 3.27 -30.27
CA VAL C 125 -31.12 2.68 -30.94
C VAL C 125 -30.94 2.49 -32.45
N ASP C 126 -30.42 3.49 -33.13
CA ASP C 126 -30.11 3.27 -34.53
C ASP C 126 -28.80 3.93 -34.87
N ASN C 127 -27.75 3.35 -34.29
CA ASN C 127 -26.40 3.86 -34.40
C ASN C 127 -26.34 5.24 -33.76
N LYS C 128 -27.25 5.50 -32.82
CA LYS C 128 -27.25 6.79 -32.11
C LYS C 128 -27.53 6.71 -30.61
N ILE C 129 -26.50 7.06 -29.84
CA ILE C 129 -26.57 7.15 -28.38
C ILE C 129 -27.33 8.40 -27.97
N ILE C 130 -28.50 8.18 -27.38
CA ILE C 130 -29.42 9.25 -27.04
C ILE C 130 -29.58 9.15 -25.54
N PRO C 131 -29.55 10.29 -24.85
CA PRO C 131 -29.71 10.19 -23.39
C PRO C 131 -31.11 9.71 -23.06
N THR C 132 -31.22 8.60 -22.34
CA THR C 132 -32.54 8.00 -22.08
C THR C 132 -33.26 8.62 -20.89
N LYS C 133 -32.52 9.30 -20.02
CA LYS C 133 -33.14 10.18 -19.04
C LYS C 133 -32.43 11.53 -19.11
N GLU C 134 -33.12 12.61 -18.75
CA GLU C 134 -32.54 13.93 -18.96
C GLU C 134 -31.63 14.40 -17.83
N ILE C 135 -30.55 15.08 -18.21
CA ILE C 135 -29.59 15.61 -17.25
C ILE C 135 -29.38 17.11 -17.44
N LYS C 136 -28.89 17.77 -16.41
CA LYS C 136 -28.90 19.24 -16.36
C LYS C 136 -27.91 19.91 -17.32
N ASP C 137 -26.66 19.48 -17.28
CA ASP C 137 -25.63 20.11 -18.09
C ASP C 137 -25.89 19.87 -19.58
N GLU C 138 -25.63 20.91 -20.36
CA GLU C 138 -25.87 20.85 -21.79
C GLU C 138 -24.61 20.39 -22.49
N LYS C 139 -23.47 20.63 -21.83
CA LYS C 139 -22.16 20.30 -22.37
C LYS C 139 -21.87 18.81 -22.31
N ILE C 140 -22.48 18.12 -21.35
CA ILE C 140 -22.29 16.68 -21.21
C ILE C 140 -23.08 16.01 -22.32
N LYS C 141 -24.35 16.38 -22.35
CA LYS C 141 -25.32 15.92 -23.34
C LYS C 141 -24.79 16.02 -24.78
N LYS C 142 -23.91 17.01 -25.01
CA LYS C 142 -23.24 17.24 -26.27
C LYS C 142 -22.13 16.21 -26.45
N GLU C 143 -21.39 15.96 -25.37
CA GLU C 143 -20.37 14.92 -25.41
C GLU C 143 -21.04 13.63 -25.78
N ILE C 144 -22.09 13.28 -25.04
CA ILE C 144 -22.91 12.11 -25.35
C ILE C 144 -23.41 12.12 -26.79
N GLU C 145 -23.82 13.29 -27.27
CA GLU C 145 -24.31 13.46 -28.64
C GLU C 145 -23.21 13.35 -29.71
N ASN C 146 -21.98 13.68 -29.33
CA ASN C 146 -20.87 13.58 -30.28
C ASN C 146 -19.97 12.36 -30.07
N PHE C 147 -20.33 11.52 -29.10
CA PHE C 147 -19.47 10.40 -28.72
C PHE C 147 -19.46 9.28 -29.74
N LYS C 148 -18.27 8.78 -30.02
CA LYS C 148 -18.08 7.59 -30.83
C LYS C 148 -17.14 6.66 -30.08
N PHE C 149 -17.42 5.35 -30.09
CA PHE C 149 -16.48 4.37 -29.55
C PHE C 149 -15.30 4.26 -30.50
N PHE C 150 -14.12 3.95 -29.96
CA PHE C 150 -12.91 3.75 -30.77
C PHE C 150 -13.01 2.60 -31.77
N VAL C 151 -13.99 1.72 -31.57
CA VAL C 151 -14.19 0.61 -32.50
C VAL C 151 -14.67 1.17 -33.83
N GLN C 152 -15.38 2.31 -33.76
CA GLN C 152 -16.02 2.95 -34.88
C GLN C 152 -15.09 3.79 -35.75
N TYR C 153 -13.92 4.17 -35.23
CA TYR C 153 -13.03 5.00 -36.03
C TYR C 153 -11.57 4.57 -36.05
N GLY C 154 -11.22 3.59 -35.23
CA GLY C 154 -9.85 3.12 -35.23
C GLY C 154 -9.59 2.30 -36.47
N ASP C 155 -8.32 2.17 -36.88
CA ASP C 155 -7.95 1.34 -38.04
C ASP C 155 -6.50 0.96 -37.96
N PHE C 156 -6.11 -0.14 -38.63
CA PHE C 156 -4.74 -0.63 -38.51
C PHE C 156 -3.91 -0.88 -39.78
N LYS C 157 -2.66 -0.43 -39.69
CA LYS C 157 -1.61 -0.60 -40.68
C LYS C 157 -0.33 -0.69 -39.86
N ASN C 158 -0.23 -1.73 -39.04
CA ASN C 158 0.88 -1.91 -38.11
C ASN C 158 2.22 -2.20 -38.78
N LEU C 159 3.14 -1.25 -38.68
CA LEU C 159 4.47 -1.37 -39.30
C LEU C 159 5.58 -1.57 -38.27
N SER C 177 1.05 -9.99 -25.14
CA SER C 177 1.17 -8.54 -25.26
C SER C 177 1.83 -8.11 -26.56
N ALA C 178 1.63 -6.85 -26.93
CA ALA C 178 2.23 -6.27 -28.13
C ALA C 178 2.28 -4.76 -28.02
N LYS C 179 3.42 -4.23 -27.61
CA LYS C 179 3.59 -2.81 -27.36
C LYS C 179 4.29 -2.13 -28.51
N TYR C 180 3.88 -0.89 -28.79
CA TYR C 180 4.45 -0.10 -29.86
C TYR C 180 4.78 1.25 -29.28
N GLN C 181 5.67 1.99 -29.94
CA GLN C 181 5.78 3.42 -29.73
C GLN C 181 5.23 4.07 -30.98
N LEU C 182 4.16 4.85 -30.83
CA LEU C 182 3.50 5.42 -31.99
C LEU C 182 4.10 6.78 -32.32
N THR C 183 3.81 7.28 -33.52
CA THR C 183 4.18 8.66 -33.81
C THR C 183 2.89 9.44 -33.90
N ASN C 184 3.01 10.75 -33.97
CA ASN C 184 1.87 11.66 -33.89
C ASN C 184 1.09 11.78 -35.20
N ASP C 185 1.73 11.40 -36.31
CA ASP C 185 1.05 11.39 -37.61
C ASP C 185 0.33 10.07 -37.85
N ASP C 186 0.29 9.23 -36.81
CA ASP C 186 -0.48 7.97 -36.82
C ASP C 186 -1.97 8.23 -36.82
N TYR C 187 -2.64 7.75 -37.86
CA TYR C 187 -4.06 7.96 -38.09
C TYR C 187 -4.91 7.73 -36.85
N ASN C 188 -4.62 6.67 -36.12
CA ASN C 188 -5.33 6.39 -34.87
C ASN C 188 -5.12 7.53 -33.89
N VAL C 189 -3.90 8.04 -33.84
CA VAL C 189 -3.55 9.09 -32.89
C VAL C 189 -4.17 10.44 -33.24
N LYS C 190 -4.29 10.70 -34.54
CA LYS C 190 -4.83 11.98 -34.98
C LYS C 190 -6.32 12.08 -34.66
N GLN C 191 -7.03 10.96 -34.75
CA GLN C 191 -8.46 10.96 -34.42
C GLN C 191 -8.70 11.10 -32.91
N LEU C 192 -7.87 10.45 -32.10
CA LEU C 192 -7.89 10.61 -30.66
C LEU C 192 -7.59 12.06 -30.29
N ARG C 193 -6.91 12.79 -31.19
CA ARG C 193 -6.61 14.21 -31.01
C ARG C 193 -7.68 15.11 -31.63
N LYS C 194 -8.35 14.60 -32.65
CA LYS C 194 -9.48 15.27 -33.29
C LYS C 194 -10.68 15.21 -32.35
N ARG C 195 -10.78 14.08 -31.63
CA ARG C 195 -11.95 13.76 -30.81
C ARG C 195 -11.75 14.10 -29.34
N TYR C 196 -10.52 14.02 -28.86
CA TYR C 196 -10.24 14.36 -27.47
C TYR C 196 -9.34 15.59 -27.35
N ASP C 197 -9.01 15.98 -26.12
CA ASP C 197 -8.13 17.12 -25.94
C ASP C 197 -6.98 16.69 -25.08
N ILE C 198 -6.07 15.93 -25.67
CA ILE C 198 -4.93 15.40 -24.94
C ILE C 198 -3.93 16.52 -24.70
N PRO C 199 -3.76 16.89 -23.42
CA PRO C 199 -2.89 18.01 -23.00
C PRO C 199 -1.45 17.84 -23.48
N THR C 200 -0.81 16.73 -23.11
CA THR C 200 0.56 16.45 -23.54
C THR C 200 0.70 16.47 -25.06
N SER C 201 1.92 16.65 -25.53
CA SER C 201 2.18 16.85 -26.96
C SER C 201 2.98 15.67 -27.50
N LYS C 202 3.24 14.73 -26.63
CA LYS C 202 4.06 13.57 -26.97
C LYS C 202 3.26 12.48 -27.68
N ALA C 203 3.98 11.61 -28.39
CA ALA C 203 3.35 10.49 -29.08
C ALA C 203 3.07 9.35 -28.11
N PRO C 204 2.01 8.57 -28.38
CA PRO C 204 1.69 7.55 -27.39
C PRO C 204 2.40 6.23 -27.66
N LYS C 205 2.42 5.37 -26.65
CA LYS C 205 2.74 3.97 -26.87
C LYS C 205 1.42 3.21 -27.04
N LEU C 206 1.45 2.21 -27.92
CA LEU C 206 0.29 1.34 -28.11
C LEU C 206 0.51 0.00 -27.41
N LEU C 207 -0.30 -0.27 -26.39
CA LEU C 207 -0.30 -1.59 -25.76
C LEU C 207 -1.51 -2.38 -26.20
N LEU C 208 -1.32 -3.65 -26.51
CA LEU C 208 -2.40 -4.43 -27.10
C LEU C 208 -2.56 -5.80 -26.46
N LYS C 209 -3.73 -6.03 -25.86
CA LYS C 209 -4.10 -7.38 -25.45
C LYS C 209 -5.62 -7.61 -25.53
N LYS C 222 -10.30 -8.53 -25.60
CA LYS C 222 -9.78 -7.57 -26.57
C LYS C 222 -9.62 -6.18 -25.96
N ASP C 223 -8.42 -5.89 -25.45
CA ASP C 223 -8.14 -4.67 -24.67
C ASP C 223 -7.06 -3.79 -25.31
N ILE C 224 -7.28 -2.47 -25.29
CA ILE C 224 -6.38 -1.50 -25.94
C ILE C 224 -6.10 -0.25 -25.09
N GLU C 225 -4.84 0.16 -25.01
CA GLU C 225 -4.49 1.41 -24.32
C GLU C 225 -3.50 2.24 -25.14
N PHE C 226 -3.84 3.50 -25.41
CA PHE C 226 -2.91 4.44 -26.03
C PHE C 226 -2.36 5.28 -24.91
N THR C 227 -1.14 5.02 -24.48
CA THR C 227 -0.61 5.73 -23.32
C THR C 227 0.21 6.93 -23.75
N PHE C 228 -0.37 8.11 -23.61
CA PHE C 228 0.30 9.34 -24.00
C PHE C 228 1.34 9.75 -22.95
N VAL C 229 0.93 9.71 -21.68
CA VAL C 229 1.85 9.93 -20.57
C VAL C 229 1.45 8.98 -19.43
N GLU C 230 2.38 8.12 -19.04
CA GLU C 230 2.28 7.39 -17.78
C GLU C 230 3.49 7.74 -16.94
N LYS C 231 3.21 8.21 -15.73
CA LYS C 231 4.21 8.49 -14.69
C LYS C 231 3.41 9.12 -13.57
N LYS C 232 3.93 9.05 -12.34
CA LYS C 232 3.25 9.64 -11.19
C LYS C 232 3.02 11.12 -11.42
N GLU C 233 2.00 11.65 -10.76
CA GLU C 233 1.60 13.05 -10.87
C GLU C 233 0.91 13.39 -12.20
N GLU C 234 1.31 12.74 -13.29
CA GLU C 234 0.70 13.01 -14.58
C GLU C 234 0.47 11.76 -15.44
N ASN C 235 -0.80 11.43 -15.69
CA ASN C 235 -1.17 10.24 -16.44
C ASN C 235 -2.19 10.54 -17.53
N ILE C 236 -1.81 10.32 -18.79
CA ILE C 236 -2.74 10.51 -19.91
C ILE C 236 -2.73 9.29 -20.82
N TYR C 237 -3.90 8.68 -20.99
CA TYR C 237 -4.02 7.56 -21.89
C TYR C 237 -5.49 7.35 -22.26
N PHE C 238 -5.73 6.68 -23.39
CA PHE C 238 -7.08 6.33 -23.81
C PHE C 238 -7.25 4.83 -23.73
N SER C 239 -8.26 4.37 -23.00
CA SER C 239 -8.49 2.93 -22.90
C SER C 239 -9.73 2.48 -23.66
N ASP C 240 -9.60 1.38 -24.37
CA ASP C 240 -10.72 0.82 -25.11
C ASP C 240 -10.82 -0.70 -24.83
N SER C 241 -12.03 -1.23 -24.82
CA SER C 241 -12.23 -2.66 -24.62
C SER C 241 -13.58 -3.11 -25.19
N LEU C 242 -13.54 -4.15 -26.03
CA LEU C 242 -14.75 -4.78 -26.57
C LEU C 242 -14.84 -6.22 -26.09
N ASP C 243 -16.01 -6.62 -25.63
CA ASP C 243 -16.10 -7.87 -24.87
C ASP C 243 -17.41 -8.62 -25.08
N TYR C 244 -17.32 -9.96 -25.12
CA TYR C 244 -18.47 -10.83 -25.41
C TYR C 244 -18.76 -11.75 -24.24
N LYS C 245 -19.81 -11.43 -23.49
CA LYS C 245 -20.15 -12.21 -22.32
C LYS C 245 -21.61 -12.63 -22.47
N LYS C 246 -22.05 -13.59 -21.65
CA LYS C 246 -23.43 -14.06 -21.72
C LYS C 246 -24.38 -12.95 -21.26
N SER C 247 -25.67 -13.15 -21.44
CA SER C 247 -26.62 -12.07 -21.14
C SER C 247 -27.19 -12.18 -19.73
N LEU D 35 -24.49 15.56 16.45
CA LEU D 35 -23.61 14.47 16.85
C LEU D 35 -24.32 13.69 17.95
N SER D 36 -25.45 14.24 18.35
CA SER D 36 -26.28 13.72 19.42
C SER D 36 -27.64 13.53 18.80
N MET D 37 -27.67 13.77 17.50
CA MET D 37 -28.81 13.60 16.63
C MET D 37 -29.15 12.12 16.52
N TYR D 38 -28.09 11.32 16.39
CA TYR D 38 -28.24 9.89 16.24
C TYR D 38 -28.96 9.29 17.42
N PRO D 39 -30.03 8.54 17.15
CA PRO D 39 -30.50 8.29 15.79
C PRO D 39 -31.57 9.26 15.25
N ILE D 40 -31.65 9.34 13.92
CA ILE D 40 -32.64 10.14 13.20
C ILE D 40 -33.79 9.26 12.68
N LYS D 41 -33.53 7.97 12.49
CA LYS D 41 -34.61 6.96 12.35
C LYS D 41 -35.49 7.13 11.13
N ASN D 42 -36.21 8.25 11.07
CA ASN D 42 -36.95 8.64 9.88
C ASN D 42 -36.09 9.56 9.07
N LEU D 43 -35.91 9.25 7.79
CA LEU D 43 -35.00 10.02 6.95
C LEU D 43 -35.63 11.32 6.45
N GLU D 44 -36.95 11.43 6.57
CA GLU D 44 -37.64 12.63 6.09
C GLU D 44 -37.44 13.80 7.04
N ASP D 45 -36.81 13.54 8.18
CA ASP D 45 -36.46 14.62 9.11
C ASP D 45 -35.32 15.40 8.49
N LEU D 46 -34.61 14.74 7.59
CA LEU D 46 -33.50 15.37 6.88
C LEU D 46 -34.05 16.43 5.94
N TYR D 47 -35.28 16.23 5.51
CA TYR D 47 -35.97 17.23 4.70
C TYR D 47 -36.09 18.54 5.47
N ASP D 48 -36.16 18.44 6.79
CA ASP D 48 -36.50 19.60 7.62
C ASP D 48 -35.28 20.17 8.33
N ASN D 60 -33.52 31.11 -3.62
CA ASN D 60 -32.40 30.16 -3.54
C ASN D 60 -32.89 28.75 -3.23
N ASP D 61 -31.99 27.77 -3.33
CA ASP D 61 -32.35 26.38 -3.05
C ASP D 61 -32.10 25.97 -1.57
N LYS D 62 -33.06 25.27 -1.00
CA LYS D 62 -33.02 24.93 0.42
C LYS D 62 -31.96 23.87 0.70
N GLY D 63 -31.35 23.34 -0.35
CA GLY D 63 -30.27 22.39 -0.19
C GLY D 63 -30.56 21.03 -0.77
N THR D 64 -29.65 20.11 -0.50
CA THR D 64 -29.80 18.71 -0.89
C THR D 64 -28.94 17.83 0.03
N TRP D 65 -29.54 16.78 0.58
CA TRP D 65 -28.81 15.90 1.50
C TRP D 65 -28.28 14.66 0.83
N ILE D 66 -27.02 14.34 1.11
CA ILE D 66 -26.42 13.10 0.63
C ILE D 66 -26.13 12.17 1.79
N ILE D 67 -26.80 11.03 1.80
CA ILE D 67 -26.60 10.05 2.84
C ILE D 67 -25.98 8.81 2.22
N ASN D 68 -24.88 8.37 2.81
CA ASN D 68 -24.17 7.22 2.27
C ASN D 68 -23.72 6.31 3.39
N SER D 69 -24.13 5.04 3.29
CA SER D 69 -23.67 4.01 4.22
C SER D 69 -23.00 2.89 3.44
N GLU D 70 -21.96 2.29 4.00
CA GLU D 70 -21.13 1.32 3.27
C GLU D 70 -20.34 0.36 4.17
N MET D 71 -20.38 -0.94 3.83
CA MET D 71 -19.55 -1.92 4.52
C MET D 71 -18.54 -2.52 3.55
N VAL D 72 -17.27 -2.46 3.94
CA VAL D 72 -16.17 -2.94 3.10
C VAL D 72 -15.55 -4.18 3.72
N ILE D 73 -15.50 -5.25 2.95
CA ILE D 73 -14.89 -6.47 3.42
C ILE D 73 -13.99 -7.06 2.32
N GLN D 74 -12.68 -6.85 2.47
CA GLN D 74 -11.65 -7.50 1.64
C GLN D 74 -10.96 -8.56 2.50
N PRO D 75 -11.39 -9.83 2.35
CA PRO D 75 -10.78 -10.88 3.18
C PRO D 75 -9.39 -11.22 2.68
N ASN D 76 -8.58 -11.86 3.52
CA ASN D 76 -7.16 -12.10 3.27
C ASN D 76 -6.91 -12.63 1.87
N ASN D 77 -6.20 -11.83 1.06
CA ASN D 77 -5.87 -12.21 -0.31
C ASN D 77 -7.09 -12.40 -1.21
N GLU D 78 -8.25 -11.95 -0.75
CA GLU D 78 -9.47 -12.10 -1.52
C GLU D 78 -9.85 -10.78 -2.13
N ASP D 79 -10.86 -10.80 -2.97
CA ASP D 79 -11.36 -9.58 -3.59
C ASP D 79 -12.13 -8.76 -2.57
N MET D 80 -11.94 -7.45 -2.66
CA MET D 80 -12.70 -6.55 -1.81
C MET D 80 -14.10 -6.43 -2.34
N VAL D 81 -15.08 -6.54 -1.44
CA VAL D 81 -16.45 -6.31 -1.81
C VAL D 81 -17.06 -5.20 -0.96
N ALA D 82 -17.60 -4.19 -1.64
CA ALA D 82 -18.26 -3.08 -0.98
C ALA D 82 -19.71 -3.01 -1.42
N LYS D 83 -20.63 -3.18 -0.47
CA LYS D 83 -22.06 -2.97 -0.72
C LYS D 83 -22.55 -1.82 0.15
N GLY D 84 -23.29 -0.88 -0.45
CA GLY D 84 -23.78 0.26 0.30
C GLY D 84 -24.95 0.94 -0.35
N MET D 85 -25.24 2.18 0.07
CA MET D 85 -26.27 2.97 -0.59
C MET D 85 -26.06 4.47 -0.43
N VAL D 86 -26.13 5.22 -1.54
CA VAL D 86 -26.17 6.69 -1.50
C VAL D 86 -27.57 7.19 -1.73
N LEU D 87 -27.98 8.18 -0.95
CA LEU D 87 -29.25 8.84 -1.23
C LEU D 87 -29.04 10.30 -1.59
N TYR D 88 -30.01 10.86 -2.29
CA TYR D 88 -29.98 12.26 -2.68
C TYR D 88 -31.35 12.83 -2.41
N MET D 89 -31.49 13.44 -1.23
CA MET D 89 -32.75 14.05 -0.80
C MET D 89 -32.73 15.50 -1.24
N ASN D 90 -33.73 15.92 -1.99
CA ASN D 90 -33.84 17.30 -2.39
C ASN D 90 -34.57 18.02 -1.27
N ARG D 91 -34.30 19.31 -1.11
CA ARG D 91 -34.97 20.11 -0.08
C ARG D 91 -35.98 21.03 -0.74
N ASN D 92 -35.59 21.60 -1.87
CA ASN D 92 -36.48 22.37 -2.73
C ASN D 92 -37.72 21.56 -3.04
N THR D 93 -37.54 20.26 -3.21
CA THR D 93 -38.64 19.36 -3.40
C THR D 93 -38.60 18.36 -2.26
N LYS D 94 -39.68 17.59 -2.10
CA LYS D 94 -39.64 16.46 -1.18
C LYS D 94 -39.69 15.16 -1.98
N THR D 95 -38.71 15.04 -2.86
CA THR D 95 -38.43 13.77 -3.49
C THR D 95 -36.97 13.41 -3.22
N THR D 96 -36.67 12.11 -3.23
CA THR D 96 -35.35 11.58 -2.94
C THR D 96 -35.04 10.44 -3.90
N ASN D 97 -33.82 10.45 -4.45
CA ASN D 97 -33.36 9.35 -5.29
C ASN D 97 -31.88 9.06 -5.06
N GLY D 98 -31.43 7.91 -5.53
CA GLY D 98 -30.08 7.47 -5.26
C GLY D 98 -30.01 5.99 -5.59
N TYR D 99 -28.99 5.30 -5.09
CA TYR D 99 -28.79 3.92 -5.53
C TYR D 99 -28.12 3.02 -4.52
N TYR D 100 -28.57 1.76 -4.48
CA TYR D 100 -27.77 0.70 -3.90
C TYR D 100 -26.64 0.41 -4.86
N TYR D 101 -25.55 -0.16 -4.34
CA TYR D 101 -24.45 -0.53 -5.19
C TYR D 101 -23.60 -1.64 -4.56
N VAL D 102 -23.18 -2.60 -5.37
CA VAL D 102 -22.24 -3.63 -4.93
C VAL D 102 -20.93 -3.47 -5.68
N ASP D 103 -19.87 -3.14 -4.95
CA ASP D 103 -18.58 -2.76 -5.53
C ASP D 103 -17.51 -3.84 -5.33
N VAL D 104 -17.28 -4.66 -6.36
CA VAL D 104 -16.20 -5.66 -6.30
C VAL D 104 -14.90 -5.17 -6.93
N THR D 105 -13.88 -4.97 -6.10
CA THR D 105 -12.59 -4.44 -6.55
C THR D 105 -11.52 -5.53 -6.34
N LYS D 106 -10.46 -5.49 -7.15
CA LYS D 106 -9.42 -6.50 -7.11
C LYS D 106 -8.02 -5.89 -6.94
N ASN D 116 -17.17 1.25 -12.01
CA ASN D 116 -16.98 -0.20 -11.84
C ASN D 116 -18.19 -0.88 -11.20
N GLU D 117 -18.60 -0.39 -10.01
CA GLU D 117 -19.69 -0.96 -9.24
C GLU D 117 -20.99 -1.04 -10.03
N LYS D 118 -21.75 -2.09 -9.73
CA LYS D 118 -23.11 -2.25 -10.24
C LYS D 118 -23.98 -1.44 -9.30
N ARG D 119 -24.64 -0.41 -9.83
CA ARG D 119 -25.56 0.37 -9.04
C ARG D 119 -26.93 -0.24 -9.18
N TYR D 120 -27.81 0.10 -8.25
CA TYR D 120 -29.18 -0.32 -8.35
C TYR D 120 -30.05 0.92 -8.14
N PRO D 121 -30.74 1.33 -9.21
CA PRO D 121 -31.72 2.41 -9.23
C PRO D 121 -32.73 2.27 -8.08
N VAL D 122 -32.91 3.36 -7.34
CA VAL D 122 -33.70 3.37 -6.12
C VAL D 122 -34.31 4.76 -5.86
N LYS D 123 -35.47 4.80 -5.22
CA LYS D 123 -36.04 6.05 -4.73
C LYS D 123 -36.54 5.86 -3.29
N MET D 124 -36.65 6.98 -2.56
CA MET D 124 -37.10 6.94 -1.17
C MET D 124 -38.18 7.98 -0.95
N VAL D 125 -39.35 7.52 -0.55
CA VAL D 125 -40.45 8.42 -0.21
C VAL D 125 -41.28 7.75 0.88
N ASP D 126 -41.57 8.52 1.94
CA ASP D 126 -42.26 8.03 3.14
C ASP D 126 -41.38 7.13 4.01
N ASN D 127 -40.06 7.36 3.93
CA ASN D 127 -39.04 6.64 4.70
C ASN D 127 -38.94 5.16 4.32
N LYS D 128 -39.60 4.79 3.22
CA LYS D 128 -39.52 3.44 2.69
C LYS D 128 -38.79 3.38 1.35
N ILE D 129 -37.75 2.56 1.29
CA ILE D 129 -36.91 2.42 0.10
C ILE D 129 -37.68 1.68 -0.98
N ILE D 130 -37.67 2.24 -2.19
CA ILE D 130 -38.38 1.67 -3.32
C ILE D 130 -37.52 1.76 -4.54
N PRO D 131 -37.13 0.60 -5.08
CA PRO D 131 -36.35 0.53 -6.33
C PRO D 131 -37.10 1.10 -7.55
N THR D 132 -36.32 1.62 -8.50
CA THR D 132 -36.88 2.23 -9.69
C THR D 132 -36.84 1.26 -10.87
N LYS D 133 -35.70 0.61 -11.06
CA LYS D 133 -35.51 -0.29 -12.19
C LYS D 133 -35.96 -1.71 -11.85
N GLU D 134 -36.38 -2.45 -12.89
CA GLU D 134 -36.71 -3.85 -12.75
C GLU D 134 -35.54 -4.58 -12.08
N ILE D 135 -35.87 -5.52 -11.20
CA ILE D 135 -34.85 -6.15 -10.39
C ILE D 135 -34.66 -7.63 -10.75
N LYS D 136 -33.42 -8.10 -10.70
CA LYS D 136 -33.13 -9.48 -11.09
C LYS D 136 -33.31 -10.48 -9.94
N ASP D 137 -32.37 -10.52 -9.01
CA ASP D 137 -32.43 -11.50 -7.93
C ASP D 137 -33.04 -10.92 -6.66
N GLU D 138 -33.36 -11.82 -5.73
CA GLU D 138 -34.09 -11.44 -4.53
C GLU D 138 -33.13 -11.07 -3.42
N LYS D 139 -31.97 -11.72 -3.41
CA LYS D 139 -30.95 -11.46 -2.40
C LYS D 139 -30.52 -10.00 -2.40
N ILE D 140 -30.46 -9.40 -3.59
CA ILE D 140 -30.20 -7.97 -3.70
C ILE D 140 -31.47 -7.18 -3.43
N LYS D 141 -32.58 -7.63 -4.02
CA LYS D 141 -33.88 -7.00 -3.85
C LYS D 141 -34.27 -7.00 -2.39
N LYS D 142 -33.90 -8.04 -1.64
CA LYS D 142 -34.10 -8.01 -0.19
C LYS D 142 -33.24 -6.89 0.40
N GLU D 143 -31.93 -7.03 0.19
CA GLU D 143 -30.90 -6.09 0.64
C GLU D 143 -31.28 -4.63 0.44
N ILE D 144 -31.94 -4.33 -0.67
CA ILE D 144 -32.40 -2.97 -0.92
C ILE D 144 -33.71 -2.68 -0.21
N GLU D 145 -34.72 -3.53 -0.42
CA GLU D 145 -36.02 -3.41 0.23
C GLU D 145 -35.87 -3.26 1.74
N ASN D 146 -34.89 -3.97 2.31
CA ASN D 146 -34.55 -3.82 3.73
C ASN D 146 -33.21 -3.13 3.97
N PHE D 147 -33.20 -1.80 3.83
CA PHE D 147 -31.98 -1.04 4.12
C PHE D 147 -32.15 0.05 5.17
N LYS D 148 -31.32 0.00 6.20
CA LYS D 148 -31.28 1.09 7.18
C LYS D 148 -29.91 1.76 7.17
N PHE D 149 -29.91 3.09 7.09
CA PHE D 149 -28.69 3.85 7.21
C PHE D 149 -28.20 3.84 8.64
N PHE D 150 -26.88 3.90 8.82
CA PHE D 150 -26.33 3.95 10.17
C PHE D 150 -26.88 5.17 10.92
N VAL D 151 -27.25 6.19 10.18
CA VAL D 151 -27.84 7.37 10.78
C VAL D 151 -29.16 6.94 11.42
N GLN D 152 -29.87 6.00 10.80
CA GLN D 152 -31.15 5.54 11.32
C GLN D 152 -31.03 4.68 12.58
N TYR D 153 -29.91 3.99 12.77
CA TYR D 153 -29.85 3.05 13.90
C TYR D 153 -28.78 3.31 14.98
N GLY D 154 -27.71 4.00 14.62
CA GLY D 154 -26.66 4.32 15.57
C GLY D 154 -27.09 5.25 16.69
N ASP D 155 -26.21 5.43 17.69
CA ASP D 155 -26.53 6.16 18.91
C ASP D 155 -25.27 6.25 19.79
N PHE D 156 -25.08 7.36 20.51
CA PHE D 156 -23.78 7.60 21.17
C PHE D 156 -23.79 7.99 22.65
N LYS D 157 -22.60 8.03 23.26
CA LYS D 157 -22.44 8.37 24.68
C LYS D 157 -20.98 8.69 25.06
N ASN D 158 -20.82 9.60 26.02
CA ASN D 158 -19.52 9.95 26.57
C ASN D 158 -19.18 9.04 27.75
N SER D 177 -11.71 15.82 13.86
CA SER D 177 -11.10 14.50 14.05
C SER D 177 -11.37 13.93 15.42
N ALA D 178 -11.94 12.73 15.48
CA ALA D 178 -12.10 12.01 16.75
C ALA D 178 -11.70 10.54 16.64
N LYS D 179 -10.64 10.15 17.33
CA LYS D 179 -10.07 8.80 17.14
C LYS D 179 -10.31 7.89 18.34
N TYR D 180 -11.07 6.80 18.12
CA TYR D 180 -11.46 5.92 19.21
C TYR D 180 -11.10 4.47 19.00
N GLN D 181 -10.74 3.79 20.07
CA GLN D 181 -10.53 2.36 20.00
C GLN D 181 -11.64 1.73 20.84
N LEU D 182 -12.59 1.07 20.19
CA LEU D 182 -13.78 0.59 20.88
C LEU D 182 -13.75 -0.88 21.29
N THR D 183 -14.85 -1.33 21.89
CA THR D 183 -14.98 -2.70 22.35
C THR D 183 -16.15 -3.41 21.69
N ASN D 184 -16.06 -4.72 21.52
CA ASN D 184 -17.16 -5.48 20.95
C ASN D 184 -18.44 -5.41 21.79
N ASP D 185 -18.30 -4.87 23.00
CA ASP D 185 -19.42 -4.64 23.91
C ASP D 185 -20.22 -3.42 23.51
N ASP D 186 -19.58 -2.53 22.74
CA ASP D 186 -20.18 -1.27 22.33
C ASP D 186 -21.55 -1.48 21.71
N TYR D 187 -22.40 -0.48 21.81
CA TYR D 187 -23.76 -0.58 21.30
C TYR D 187 -23.78 -0.67 19.77
N ASN D 188 -23.03 0.24 19.16
CA ASN D 188 -23.09 0.42 17.71
C ASN D 188 -22.27 -0.64 17.00
N VAL D 189 -21.37 -1.25 17.74
CA VAL D 189 -20.55 -2.33 17.22
C VAL D 189 -21.41 -3.57 17.16
N LYS D 190 -22.18 -3.78 18.23
CA LYS D 190 -23.22 -4.81 18.23
C LYS D 190 -24.19 -4.54 17.10
N GLN D 191 -24.59 -3.29 16.95
CA GLN D 191 -25.54 -2.92 15.91
C GLN D 191 -24.98 -3.29 14.54
N LEU D 192 -23.67 -3.20 14.38
CA LEU D 192 -23.02 -3.53 13.12
C LEU D 192 -22.82 -5.01 12.95
N ARG D 193 -22.57 -5.72 14.04
CA ARG D 193 -22.40 -7.16 13.95
C ARG D 193 -23.74 -7.85 13.81
N LYS D 194 -24.81 -7.11 14.06
CA LYS D 194 -26.15 -7.67 13.97
C LYS D 194 -26.64 -7.58 12.54
N ARG D 195 -26.13 -6.59 11.80
CA ARG D 195 -26.65 -6.26 10.46
C ARG D 195 -25.69 -6.59 9.31
N TYR D 196 -24.42 -6.76 9.63
CA TYR D 196 -23.43 -7.15 8.63
C TYR D 196 -22.69 -8.36 9.13
N ASP D 197 -22.24 -9.20 8.22
CA ASP D 197 -21.33 -10.29 8.58
C ASP D 197 -19.92 -9.76 8.47
N ILE D 198 -19.32 -9.49 9.61
CA ILE D 198 -18.00 -8.93 9.65
C ILE D 198 -17.06 -10.00 10.15
N PRO D 199 -16.19 -10.50 9.25
CA PRO D 199 -15.43 -11.73 9.46
C PRO D 199 -14.15 -11.49 10.23
N THR D 200 -14.27 -10.86 11.40
CA THR D 200 -13.15 -10.72 12.33
C THR D 200 -13.70 -10.53 13.74
N SER D 201 -13.09 -11.19 14.72
CA SER D 201 -13.58 -11.10 16.10
C SER D 201 -12.98 -9.89 16.82
N LYS D 202 -12.37 -9.01 16.04
CA LYS D 202 -11.60 -7.92 16.58
C LYS D 202 -12.42 -6.65 16.71
N ALA D 203 -12.32 -6.00 17.87
CA ALA D 203 -13.04 -4.75 18.14
C ALA D 203 -12.56 -3.58 17.28
N PRO D 204 -13.50 -2.71 16.86
CA PRO D 204 -13.10 -1.67 15.92
C PRO D 204 -12.50 -0.39 16.54
N LYS D 205 -11.62 0.23 15.78
CA LYS D 205 -11.22 1.59 16.08
C LYS D 205 -12.32 2.48 15.51
N LEU D 206 -12.66 3.57 16.21
CA LEU D 206 -13.61 4.52 15.65
C LEU D 206 -12.92 5.84 15.33
N LEU D 207 -13.16 6.32 14.12
CA LEU D 207 -12.61 7.59 13.67
C LEU D 207 -13.72 8.50 13.13
N LEU D 208 -14.04 9.55 13.88
CA LEU D 208 -15.05 10.51 13.47
C LEU D 208 -14.42 11.83 12.95
N LYS D 209 -14.85 12.26 11.77
CA LYS D 209 -14.43 13.57 11.25
C LYS D 209 -15.45 14.14 10.28
N LYS D 222 -18.73 15.90 7.53
CA LYS D 222 -18.80 14.96 8.67
C LYS D 222 -18.85 13.46 8.28
N ASP D 223 -17.96 12.65 8.86
CA ASP D 223 -17.78 11.25 8.44
C ASP D 223 -17.54 10.26 9.58
N ILE D 224 -17.96 9.01 9.37
CA ILE D 224 -17.85 7.94 10.37
C ILE D 224 -17.25 6.63 9.83
N GLU D 225 -16.12 6.19 10.39
CA GLU D 225 -15.49 4.91 10.00
C GLU D 225 -15.21 3.98 11.18
N PHE D 226 -15.69 2.74 11.07
CA PHE D 226 -15.40 1.71 12.05
C PHE D 226 -14.34 0.76 11.47
N THR D 227 -13.08 0.91 11.93
CA THR D 227 -11.96 0.15 11.37
C THR D 227 -11.71 -1.12 12.19
N PHE D 228 -12.00 -2.28 11.61
CA PHE D 228 -11.83 -3.53 12.29
C PHE D 228 -10.50 -4.16 11.95
N VAL D 229 -10.21 -4.20 10.66
CA VAL D 229 -8.95 -4.75 10.15
C VAL D 229 -8.40 -3.82 9.07
N GLU D 230 -7.14 -3.43 9.24
CA GLU D 230 -6.43 -2.65 8.23
C GLU D 230 -5.01 -3.16 8.20
N LYS D 231 -4.82 -4.28 7.53
CA LYS D 231 -3.57 -5.02 7.55
C LYS D 231 -2.80 -4.67 6.31
N LYS D 232 -3.56 -4.20 5.32
CA LYS D 232 -3.10 -4.02 3.94
C LYS D 232 -3.05 -5.35 3.16
N GLU D 233 -3.27 -6.45 3.87
CA GLU D 233 -3.63 -7.72 3.23
C GLU D 233 -5.14 -7.86 3.31
N GLU D 234 -5.64 -7.84 4.55
CA GLU D 234 -7.06 -7.93 4.82
C GLU D 234 -7.56 -6.54 5.17
N ASN D 235 -8.72 -6.20 4.64
CA ASN D 235 -9.36 -4.90 4.91
C ASN D 235 -10.86 -5.06 5.09
N ILE D 236 -11.31 -4.81 6.32
CA ILE D 236 -12.72 -4.90 6.67
C ILE D 236 -13.03 -3.66 7.49
N TYR D 237 -14.06 -2.91 7.09
CA TYR D 237 -14.49 -1.73 7.85
C TYR D 237 -15.87 -1.20 7.41
N PHE D 238 -16.41 -0.28 8.21
CA PHE D 238 -17.69 0.35 7.91
C PHE D 238 -17.51 1.83 7.69
N SER D 239 -18.02 2.34 6.57
CA SER D 239 -17.88 3.76 6.30
C SER D 239 -19.24 4.40 6.11
N ASP D 240 -19.49 5.43 6.89
CA ASP D 240 -20.73 6.14 6.83
C ASP D 240 -20.38 7.61 6.59
N SER D 241 -21.19 8.27 5.77
CA SER D 241 -21.00 9.70 5.56
C SER D 241 -22.30 10.49 5.54
N LEU D 242 -22.17 11.77 5.84
CA LEU D 242 -23.25 12.72 5.65
C LEU D 242 -22.58 14.07 5.47
N ASP D 243 -22.85 14.74 4.35
CA ASP D 243 -22.33 16.08 4.17
C ASP D 243 -23.31 16.89 3.32
N TYR D 244 -23.58 18.12 3.76
CA TYR D 244 -24.57 18.98 3.12
C TYR D 244 -23.94 20.01 2.18
N LYS D 245 -24.35 19.95 0.92
CA LYS D 245 -23.83 20.86 -0.09
C LYS D 245 -25.01 21.36 -0.93
N LYS D 246 -24.74 22.29 -1.84
CA LYS D 246 -25.77 22.80 -2.72
C LYS D 246 -25.82 21.94 -3.98
N SER D 247 -26.97 21.92 -4.64
CA SER D 247 -27.12 21.13 -5.86
C SER D 247 -26.15 21.58 -6.96
CA CA E . 0.28 -0.02 35.01
#